data_2HU5
#
_entry.id   2HU5
#
_cell.length_a   63.400
_cell.length_b   103.334
_cell.length_c   168.224
_cell.angle_alpha   90.00
_cell.angle_beta   90.00
_cell.angle_gamma   90.00
#
_symmetry.space_group_name_H-M   'P 21 21 21'
#
loop_
_entity.id
_entity.type
_entity.pdbx_description
1 polymer 'Acylamino-acid-releasing enzyme'
2 non-polymer GLYCINE
3 non-polymer PHENYLALANINE
4 non-polymer GLYCEROL
5 water water
#
_entity_poly.entity_id   1
_entity_poly.type   'polypeptide(L)'
_entity_poly.pdbx_seq_one_letter_code
;MRIIMPVEFSRIVRDVERLIAVEKYSLQGVVDGDKLLVVGFSEGSVNAYLYDGGETVKLNREPINSVLDPHYGVGRVILV
RDVSKGAEQHALFKVNTSRPGEEQRLEAVKPMRILSGVDTGEAVVFTGATEDRVALYALDGGGLRELARLPGFGFVSDIR
GDLIAGLGFFGGGRVSLFTSNLSSGGLRVFDSGEGSFSSASISPGMKVTAGLETAREARLVTVDPRDGSVEDLELPSKDF
SSYRPTAITWLGYLPDGRLAVVARREGRSAVFIDGERVEAPQGNHGRVVLWRGKLVTSHTSLSTPPRIVSLPSGEPLLEG
GLPEDLRRSIAGSRLVWVESFDGSRVPTYVLESGRAPTPGPTVVLVHGGPFAEDSDSWDTFAASLAAAGFHVVMPNYRGS
TGYGEEWRLKIIGDPCGGELEDVSAAARWARESGLASELYIMGYSYGGYMTLCALTMKPGLFKAGVAGASVVDWEEMYEL
SDAAFRNFIEQLTGGSREIMRSRSPINHVDRIKEPLALIHPQNDSRTPLKPLLRLMGELLARGKTFEAHIIPDAGHAINT
MEDAVKILLPAVFFLATQRERR
;
_entity_poly.pdbx_strand_id   A,B
#
loop_
_chem_comp.id
_chem_comp.type
_chem_comp.name
_chem_comp.formula
GOL non-polymer GLYCEROL 'C3 H8 O3'
#
# COMPACT_ATOMS: atom_id res chain seq x y z
N PHE A 9 2.37 -11.72 8.63
CA PHE A 9 1.64 -13.03 8.66
C PHE A 9 0.15 -12.83 8.36
N SER A 10 -0.46 -13.89 7.86
CA SER A 10 -1.91 -13.90 7.68
C SER A 10 -2.62 -13.84 9.03
N ARG A 11 -1.95 -14.28 10.09
CA ARG A 11 -2.46 -14.21 11.45
C ARG A 11 -2.60 -12.76 11.91
N ILE A 12 -1.59 -11.95 11.59
CA ILE A 12 -1.65 -10.51 11.79
C ILE A 12 -2.91 -9.98 11.15
N VAL A 13 -3.10 -10.25 9.87
CA VAL A 13 -4.19 -9.63 9.17
C VAL A 13 -5.51 -10.06 9.80
N ARG A 14 -5.60 -11.32 10.21
CA ARG A 14 -6.83 -11.80 10.82
C ARG A 14 -7.14 -11.04 12.13
N ASP A 15 -6.13 -10.92 13.00
CA ASP A 15 -6.28 -10.15 14.22
C ASP A 15 -6.63 -8.67 13.96
N VAL A 16 -5.90 -8.05 13.05
CA VAL A 16 -6.20 -6.68 12.64
C VAL A 16 -7.63 -6.58 12.14
N GLU A 17 -8.03 -7.53 11.30
CA GLU A 17 -9.37 -7.53 10.77
C GLU A 17 -10.41 -7.64 11.89
N ARG A 18 -10.16 -8.55 12.83
CA ARG A 18 -11.14 -8.84 13.88
C ARG A 18 -11.26 -7.72 14.88
N LEU A 19 -10.15 -7.08 15.18
CA LEU A 19 -10.16 -5.91 16.04
C LEU A 19 -10.97 -4.79 15.41
N ILE A 20 -10.73 -4.57 14.12
CA ILE A 20 -11.48 -3.54 13.38
C ILE A 20 -12.96 -3.88 13.34
N ALA A 21 -13.26 -5.15 13.09
CA ALA A 21 -14.63 -5.63 12.88
C ALA A 21 -15.51 -5.67 14.14
N VAL A 22 -14.91 -5.71 15.32
CA VAL A 22 -15.67 -5.70 16.56
C VAL A 22 -16.54 -4.43 16.55
N GLU A 23 -17.84 -4.59 16.80
CA GLU A 23 -18.75 -3.46 16.76
C GLU A 23 -18.41 -2.44 17.86
N LYS A 24 -18.55 -1.17 17.51
CA LYS A 24 -18.23 -0.07 18.40
C LYS A 24 -19.39 0.91 18.31
N TYR A 25 -19.84 1.38 19.46
CA TYR A 25 -21.09 2.11 19.55
C TYR A 25 -20.85 3.41 20.29
N SER A 26 -21.52 4.45 19.82
CA SER A 26 -21.58 5.67 20.60
C SER A 26 -23.03 6.03 20.81
N LEU A 27 -23.30 6.64 21.97
CA LEU A 27 -24.64 7.04 22.34
C LEU A 27 -24.86 8.47 21.91
N GLN A 28 -25.91 8.67 21.11
CA GLN A 28 -26.27 9.99 20.59
C GLN A 28 -27.50 10.62 21.26
N GLY A 29 -28.42 9.79 21.74
CA GLY A 29 -29.56 10.30 22.47
C GLY A 29 -30.77 9.41 22.39
N VAL A 30 -31.93 10.02 22.54
CA VAL A 30 -33.19 9.30 22.63
C VAL A 30 -34.15 9.93 21.63
N VAL A 31 -34.71 9.11 20.77
CA VAL A 31 -35.53 9.59 19.66
C VAL A 31 -36.76 8.72 19.51
N ASP A 32 -37.53 8.93 18.45
CA ASP A 32 -38.68 8.05 18.11
C ASP A 32 -39.54 7.71 19.32
N GLY A 33 -39.67 8.67 20.23
CA GLY A 33 -40.38 8.48 21.49
C GLY A 33 -39.45 8.23 22.66
N ASP A 34 -39.03 6.96 22.82
CA ASP A 34 -38.17 6.53 23.92
C ASP A 34 -37.28 5.38 23.44
N LYS A 35 -36.57 5.62 22.34
CA LYS A 35 -35.67 4.65 21.74
C LYS A 35 -34.30 5.27 21.68
N LEU A 36 -33.28 4.49 22.02
CA LEU A 36 -31.92 4.96 21.96
C LEU A 36 -31.46 5.19 20.51
N LEU A 37 -30.78 6.29 20.29
CA LEU A 37 -30.13 6.52 19.03
C LEU A 37 -28.65 6.31 19.28
N VAL A 38 -28.10 5.36 18.56
CA VAL A 38 -26.70 5.07 18.63
C VAL A 38 -26.13 5.13 17.24
N VAL A 39 -24.86 5.49 17.16
CA VAL A 39 -24.08 5.27 15.97
C VAL A 39 -23.15 4.08 16.24
N GLY A 40 -23.15 3.13 15.33
CA GLY A 40 -22.29 1.98 15.46
C GLY A 40 -21.47 1.73 14.24
N PHE A 41 -20.17 1.51 14.44
CA PHE A 41 -19.34 0.85 13.43
C PHE A 41 -19.73 -0.61 13.58
N SER A 42 -20.49 -1.08 12.61
CA SER A 42 -21.05 -2.41 12.62
C SER A 42 -21.45 -2.79 11.21
N GLU A 43 -21.36 -4.08 10.90
CA GLU A 43 -21.69 -4.58 9.56
C GLU A 43 -20.83 -3.86 8.51
N GLY A 44 -19.57 -3.64 8.84
CA GLY A 44 -18.62 -3.14 7.87
C GLY A 44 -18.53 -1.63 7.79
N SER A 45 -19.30 -0.89 8.57
CA SER A 45 -19.33 0.57 8.38
C SER A 45 -20.03 1.31 9.49
N VAL A 46 -19.95 2.65 9.45
CA VAL A 46 -20.62 3.50 10.42
C VAL A 46 -22.04 3.73 9.99
N ASN A 47 -22.96 3.44 10.91
CA ASN A 47 -24.40 3.49 10.68
C ASN A 47 -25.12 4.05 11.90
N ALA A 48 -26.33 4.53 11.69
CA ALA A 48 -27.19 4.96 12.78
C ALA A 48 -28.25 3.89 13.05
N TYR A 49 -28.54 3.65 14.32
CA TYR A 49 -29.49 2.62 14.74
C TYR A 49 -30.43 3.13 15.81
N LEU A 50 -31.63 2.57 15.84
CA LEU A 50 -32.49 2.67 17.00
C LEU A 50 -32.28 1.41 17.82
N TYR A 51 -32.23 1.57 19.13
CA TYR A 51 -32.26 0.43 20.03
C TYR A 51 -33.39 0.65 21.03
N ASP A 52 -34.17 -0.39 21.22
CA ASP A 52 -35.28 -0.34 22.18
C ASP A 52 -35.44 -1.68 22.89
N GLY A 53 -34.32 -2.27 23.28
CA GLY A 53 -34.31 -3.42 24.18
C GLY A 53 -33.99 -4.76 23.53
N GLY A 54 -33.97 -4.78 22.20
CA GLY A 54 -33.79 -6.00 21.44
C GLY A 54 -32.82 -5.77 20.31
N GLU A 55 -33.24 -6.06 19.08
CA GLU A 55 -32.36 -5.87 17.94
C GLU A 55 -32.36 -4.40 17.56
N THR A 56 -31.24 -3.96 17.01
CA THR A 56 -31.14 -2.63 16.43
C THR A 56 -31.92 -2.54 15.13
N VAL A 57 -32.42 -1.34 14.84
CA VAL A 57 -33.01 -1.05 13.53
C VAL A 57 -32.14 0.01 12.88
N LYS A 58 -31.59 -0.35 11.73
CA LYS A 58 -30.73 0.53 10.96
C LYS A 58 -31.54 1.68 10.36
N LEU A 59 -31.12 2.92 10.63
CA LEU A 59 -31.84 4.09 10.16
C LEU A 59 -31.41 4.55 8.77
N ASN A 60 -30.11 4.46 8.49
CA ASN A 60 -29.55 4.93 7.23
C ASN A 60 -29.52 3.84 6.16
N ARG A 61 -29.19 4.26 4.94
CA ARG A 61 -28.96 3.34 3.81
C ARG A 61 -27.44 3.15 3.68
N GLU A 62 -26.79 4.09 3.00
CA GLU A 62 -25.34 4.03 2.83
C GLU A 62 -24.68 4.44 4.13
N PRO A 63 -23.41 4.13 4.31
CA PRO A 63 -22.67 4.60 5.48
C PRO A 63 -22.72 6.13 5.66
N ILE A 64 -22.57 6.50 6.92
CA ILE A 64 -22.58 7.89 7.33
C ILE A 64 -21.30 8.17 8.08
N ASN A 65 -21.20 9.40 8.57
CA ASN A 65 -20.14 9.78 9.49
C ASN A 65 -20.61 10.00 10.88
N SER A 66 -21.81 10.54 11.00
CA SER A 66 -22.34 10.91 12.29
C SER A 66 -23.82 11.24 12.17
N VAL A 67 -24.42 11.54 13.30
CA VAL A 67 -25.78 12.04 13.34
C VAL A 67 -25.76 13.31 14.14
N LEU A 68 -26.74 14.17 13.93
CA LEU A 68 -26.82 15.37 14.75
C LEU A 68 -27.48 15.00 16.07
N ASP A 69 -27.16 15.75 17.13
CA ASP A 69 -27.69 15.51 18.47
C ASP A 69 -29.20 15.74 18.43
N PRO A 70 -30.01 14.73 18.67
CA PRO A 70 -31.45 14.93 18.72
C PRO A 70 -31.92 15.47 20.06
N HIS A 71 -32.91 16.35 20.04
CA HIS A 71 -33.67 16.63 21.26
C HIS A 71 -34.41 15.34 21.63
N TYR A 72 -34.60 15.13 22.93
CA TYR A 72 -35.25 13.95 23.43
C TYR A 72 -36.57 13.70 22.73
N GLY A 73 -36.76 12.48 22.26
CA GLY A 73 -38.03 12.05 21.70
C GLY A 73 -38.36 12.47 20.28
N VAL A 74 -37.46 13.16 19.59
CA VAL A 74 -37.81 13.65 18.25
C VAL A 74 -37.98 12.47 17.30
N GLY A 75 -38.90 12.62 16.36
CA GLY A 75 -39.27 11.55 15.46
C GLY A 75 -38.45 11.50 14.21
N ARG A 76 -37.24 12.03 14.26
CA ARG A 76 -36.33 11.96 13.14
C ARG A 76 -34.90 12.05 13.57
N VAL A 77 -34.03 11.79 12.61
CA VAL A 77 -32.62 11.75 12.81
C VAL A 77 -31.98 12.41 11.59
N ILE A 78 -31.01 13.27 11.82
CA ILE A 78 -30.28 13.90 10.74
C ILE A 78 -28.96 13.17 10.60
N LEU A 79 -28.79 12.50 9.48
CA LEU A 79 -27.54 11.81 9.16
C LEU A 79 -26.59 12.83 8.57
N VAL A 80 -25.32 12.74 8.92
CA VAL A 80 -24.30 13.53 8.29
C VAL A 80 -23.51 12.54 7.47
N ARG A 81 -23.45 12.75 6.16
CA ARG A 81 -22.74 11.84 5.27
C ARG A 81 -21.79 12.59 4.38
N ASP A 82 -20.57 12.05 4.28
CA ASP A 82 -19.61 12.49 3.28
C ASP A 82 -20.10 12.12 1.88
N VAL A 83 -20.22 13.14 1.02
CA VAL A 83 -20.66 12.98 -0.36
C VAL A 83 -19.52 13.36 -1.31
N SER A 84 -18.29 13.39 -0.79
CA SER A 84 -17.09 13.77 -1.54
C SER A 84 -15.99 12.70 -1.47
N LYS A 85 -16.40 11.45 -1.23
CA LYS A 85 -15.48 10.30 -1.20
C LYS A 85 -14.33 10.49 -0.21
N GLY A 86 -14.65 11.05 0.94
CA GLY A 86 -13.70 11.21 2.03
C GLY A 86 -13.22 12.61 2.31
N ALA A 87 -13.47 13.57 1.42
CA ALA A 87 -12.99 14.94 1.62
C ALA A 87 -13.80 15.74 2.65
N GLU A 88 -14.84 15.10 3.20
CA GLU A 88 -15.65 15.66 4.27
C GLU A 88 -16.36 16.93 3.85
N GLN A 89 -16.79 16.97 2.60
CA GLN A 89 -17.91 17.80 2.23
C GLN A 89 -19.12 16.93 2.47
N HIS A 90 -19.81 17.20 3.58
CA HIS A 90 -20.98 16.46 4.02
C HIS A 90 -22.28 17.09 3.57
N ALA A 91 -23.27 16.24 3.32
CA ALA A 91 -24.67 16.65 3.23
C ALA A 91 -25.42 16.05 4.39
N LEU A 92 -26.58 16.63 4.68
CA LEU A 92 -27.44 16.15 5.75
C LEU A 92 -28.60 15.42 5.14
N PHE A 93 -28.97 14.31 5.77
CA PHE A 93 -30.08 13.51 5.30
C PHE A 93 -30.96 13.27 6.51
N LYS A 94 -32.25 13.53 6.40
CA LYS A 94 -33.15 13.17 7.47
C LYS A 94 -33.78 11.83 7.23
N VAL A 95 -33.90 11.08 8.31
CA VAL A 95 -34.68 9.86 8.38
C VAL A 95 -35.76 10.02 9.43
N ASN A 96 -37.02 9.94 9.01
CA ASN A 96 -38.13 9.78 9.91
C ASN A 96 -37.95 8.43 10.63
N THR A 97 -37.89 8.49 11.96
CA THR A 97 -37.65 7.29 12.75
C THR A 97 -38.73 6.22 12.61
N SER A 98 -39.95 6.62 12.24
CA SER A 98 -41.05 5.68 11.93
C SER A 98 -40.83 4.94 10.61
N ARG A 99 -39.99 5.51 9.75
CA ARG A 99 -39.71 4.94 8.44
C ARG A 99 -38.20 4.78 8.22
N PRO A 100 -37.59 3.87 8.98
CA PRO A 100 -36.17 3.54 8.85
C PRO A 100 -35.72 3.19 7.44
N GLY A 101 -34.61 3.75 7.00
CA GLY A 101 -34.03 3.43 5.70
C GLY A 101 -34.53 4.29 4.56
N GLU A 102 -35.40 5.26 4.86
CA GLU A 102 -35.87 6.22 3.87
C GLU A 102 -35.24 7.54 4.19
N GLU A 103 -34.53 8.07 3.20
CA GLU A 103 -33.71 9.24 3.39
C GLU A 103 -34.16 10.38 2.52
N GLN A 104 -34.13 11.58 3.10
CA GLN A 104 -34.36 12.81 2.35
C GLN A 104 -33.19 13.72 2.61
N ARG A 105 -32.43 13.99 1.56
CA ARG A 105 -31.41 14.99 1.60
C ARG A 105 -32.00 16.35 1.95
N LEU A 106 -31.38 17.05 2.88
CA LEU A 106 -31.69 18.46 3.14
C LEU A 106 -30.94 19.31 2.14
N GLU A 107 -31.60 19.57 1.02
CA GLU A 107 -30.96 20.15 -0.18
C GLU A 107 -30.61 21.63 -0.04
N ALA A 108 -31.22 22.33 0.92
CA ALA A 108 -30.92 23.75 1.16
C ALA A 108 -29.55 23.90 1.78
N VAL A 109 -29.01 22.81 2.31
CA VAL A 109 -27.65 22.82 2.81
C VAL A 109 -26.68 22.23 1.77
N LYS A 110 -26.01 23.11 1.03
CA LYS A 110 -24.92 22.74 0.14
C LYS A 110 -23.89 21.94 0.93
N PRO A 111 -23.23 20.97 0.30
CA PRO A 111 -22.16 20.23 0.97
C PRO A 111 -21.13 21.14 1.63
N MET A 112 -20.82 20.85 2.87
CA MET A 112 -19.81 21.59 3.60
C MET A 112 -19.23 20.70 4.68
N ARG A 113 -18.16 21.15 5.32
CA ARG A 113 -17.65 20.39 6.44
C ARG A 113 -18.58 20.69 7.62
N ILE A 114 -19.43 19.73 7.93
CA ILE A 114 -20.33 19.83 9.07
C ILE A 114 -19.51 19.50 10.28
N LEU A 115 -19.47 20.44 11.21
CA LEU A 115 -18.66 20.30 12.42
C LEU A 115 -19.45 19.76 13.58
N SER A 116 -20.74 20.02 13.58
CA SER A 116 -21.58 19.76 14.74
C SER A 116 -22.99 20.13 14.37
N GLY A 117 -23.94 19.64 15.15
CA GLY A 117 -25.28 20.11 15.03
C GLY A 117 -26.23 19.47 16.00
N VAL A 118 -27.36 20.13 16.13
CA VAL A 118 -28.45 19.68 16.99
C VAL A 118 -29.71 19.77 16.17
N ASP A 119 -30.58 18.81 16.38
CA ASP A 119 -31.89 18.83 15.78
C ASP A 119 -32.93 18.91 16.90
N THR A 120 -33.69 20.01 16.95
CA THR A 120 -34.79 20.14 17.94
C THR A 120 -36.06 19.41 17.52
N GLY A 121 -36.09 18.94 16.27
CA GLY A 121 -37.30 18.35 15.70
C GLY A 121 -38.02 19.35 14.79
N GLU A 122 -37.70 20.63 14.98
CA GLU A 122 -38.33 21.72 14.24
C GLU A 122 -37.28 22.60 13.53
N ALA A 123 -36.05 22.54 14.01
CA ALA A 123 -34.93 23.28 13.44
C ALA A 123 -33.64 22.48 13.58
N VAL A 124 -32.84 22.46 12.52
CA VAL A 124 -31.54 21.84 12.52
C VAL A 124 -30.51 22.95 12.59
N VAL A 125 -29.81 23.02 13.70
CA VAL A 125 -28.84 24.07 13.94
C VAL A 125 -27.49 23.40 13.91
N PHE A 126 -26.60 23.91 13.09
CA PHE A 126 -25.33 23.22 12.94
C PHE A 126 -24.22 24.21 12.65
N THR A 127 -23.00 23.77 12.86
CA THR A 127 -21.85 24.53 12.37
C THR A 127 -21.20 23.80 11.22
N GLY A 128 -20.64 24.58 10.32
CA GLY A 128 -19.89 24.00 9.23
C GLY A 128 -18.89 24.96 8.67
N ALA A 129 -17.87 24.40 8.01
CA ALA A 129 -16.83 25.18 7.41
C ALA A 129 -16.93 25.03 5.91
N THR A 130 -16.86 26.15 5.22
CA THR A 130 -16.63 26.15 3.79
C THR A 130 -15.24 26.72 3.59
N GLU A 131 -14.88 26.95 2.34
CA GLU A 131 -13.61 27.55 2.04
C GLU A 131 -13.52 28.94 2.65
N ASP A 132 -14.62 29.68 2.65
CA ASP A 132 -14.56 31.09 3.08
C ASP A 132 -14.92 31.33 4.56
N ARG A 133 -15.60 30.40 5.20
CA ARG A 133 -16.05 30.66 6.58
C ARG A 133 -16.42 29.44 7.38
N VAL A 134 -16.30 29.58 8.69
CA VAL A 134 -17.00 28.73 9.63
C VAL A 134 -18.22 29.53 10.02
N ALA A 135 -19.36 28.85 10.13
CA ALA A 135 -20.60 29.54 10.47
C ALA A 135 -21.56 28.65 11.22
N LEU A 136 -22.47 29.31 11.91
CA LEU A 136 -23.53 28.64 12.63
C LEU A 136 -24.76 28.84 11.76
N TYR A 137 -25.46 27.75 11.48
CA TYR A 137 -26.59 27.75 10.59
C TYR A 137 -27.82 27.22 11.33
N ALA A 138 -28.99 27.72 10.97
CA ALA A 138 -30.24 27.09 11.33
C ALA A 138 -31.04 26.82 10.07
N LEU A 139 -31.55 25.61 9.95
CA LEU A 139 -32.47 25.22 8.91
C LEU A 139 -33.80 24.87 9.57
N ASP A 140 -34.86 25.59 9.22
CA ASP A 140 -36.18 25.27 9.73
C ASP A 140 -37.20 25.33 8.58
N GLY A 141 -38.46 25.60 8.87
CA GLY A 141 -39.49 25.64 7.83
C GLY A 141 -39.35 26.77 6.82
N GLY A 142 -38.72 27.87 7.23
CA GLY A 142 -38.43 29.00 6.35
C GLY A 142 -37.16 28.87 5.52
N GLY A 143 -36.44 27.77 5.69
CA GLY A 143 -35.22 27.52 4.93
C GLY A 143 -33.97 27.73 5.76
N LEU A 144 -32.86 27.99 5.08
CA LEU A 144 -31.55 27.99 5.72
C LEU A 144 -31.11 29.42 6.02
N ARG A 145 -30.60 29.61 7.24
CA ARG A 145 -30.18 30.90 7.72
C ARG A 145 -28.82 30.75 8.35
N GLU A 146 -27.89 31.63 7.98
CA GLU A 146 -26.66 31.79 8.67
C GLU A 146 -26.90 32.67 9.88
N LEU A 147 -26.77 32.08 11.06
CA LEU A 147 -26.99 32.80 12.30
C LEU A 147 -25.78 33.66 12.63
N ALA A 148 -24.60 33.14 12.36
CA ALA A 148 -23.35 33.82 12.71
C ALA A 148 -22.13 33.21 12.01
N ARG A 149 -21.15 34.07 11.75
CA ARG A 149 -19.84 33.67 11.25
C ARG A 149 -18.97 33.49 12.49
N LEU A 150 -18.29 32.35 12.56
CA LEU A 150 -17.45 32.05 13.71
C LEU A 150 -15.98 32.24 13.33
N PRO A 151 -15.18 32.71 14.29
CA PRO A 151 -13.75 32.88 14.03
C PRO A 151 -13.01 31.60 13.62
N GLY A 152 -13.48 30.46 14.10
CA GLY A 152 -12.83 29.21 13.81
C GLY A 152 -13.75 28.07 14.11
N PHE A 153 -13.17 26.88 14.26
CA PHE A 153 -13.93 25.70 14.68
C PHE A 153 -14.90 26.08 15.79
N GLY A 154 -16.17 25.72 15.58
CA GLY A 154 -17.21 25.96 16.54
C GLY A 154 -18.16 24.78 16.54
N PHE A 155 -18.74 24.52 17.70
CA PHE A 155 -19.57 23.33 17.89
C PHE A 155 -20.81 23.72 18.69
N VAL A 156 -21.97 23.32 18.20
CA VAL A 156 -23.23 23.53 18.91
C VAL A 156 -23.27 22.49 19.98
N SER A 157 -23.51 22.92 21.22
CA SER A 157 -23.61 22.05 22.36
C SER A 157 -25.08 21.80 22.73
N ASP A 158 -25.93 22.81 22.52
CA ASP A 158 -27.29 22.74 23.03
C ASP A 158 -28.17 23.86 22.51
N ILE A 159 -29.46 23.56 22.43
CA ILE A 159 -30.49 24.52 22.17
C ILE A 159 -31.56 24.30 23.20
N ARG A 160 -32.00 25.38 23.82
CA ARG A 160 -33.16 25.32 24.66
C ARG A 160 -33.94 26.56 24.33
N GLY A 161 -35.18 26.35 23.89
CA GLY A 161 -36.02 27.44 23.47
C GLY A 161 -35.33 28.11 22.31
N ASP A 162 -35.21 29.42 22.40
CA ASP A 162 -34.52 30.23 21.41
C ASP A 162 -33.01 30.28 21.57
N LEU A 163 -32.49 29.81 22.71
CA LEU A 163 -31.08 29.98 23.01
C LEU A 163 -30.25 28.82 22.47
N ILE A 164 -29.21 29.17 21.72
CA ILE A 164 -28.22 28.20 21.26
C ILE A 164 -26.95 28.48 22.01
N ALA A 165 -26.36 27.43 22.57
CA ALA A 165 -25.06 27.51 23.20
C ALA A 165 -24.09 26.64 22.45
N GLY A 166 -22.84 27.04 22.43
CA GLY A 166 -21.82 26.27 21.76
C GLY A 166 -20.44 26.57 22.27
N LEU A 167 -19.48 25.86 21.72
CA LEU A 167 -18.10 26.01 22.12
C LEU A 167 -17.29 26.37 20.88
N GLY A 168 -16.36 27.29 21.05
CA GLY A 168 -15.59 27.79 19.95
C GLY A 168 -14.11 27.78 20.22
N PHE A 169 -13.36 27.24 19.26
CA PHE A 169 -11.90 27.35 19.27
C PHE A 169 -11.57 28.59 18.47
N PHE A 170 -11.75 29.73 19.12
CA PHE A 170 -11.70 31.02 18.44
C PHE A 170 -10.41 31.81 18.69
N GLY A 171 -9.40 31.19 19.29
CA GLY A 171 -8.13 31.86 19.47
C GLY A 171 -7.27 31.24 20.55
N GLY A 172 -5.97 31.10 20.26
CA GLY A 172 -4.96 30.76 21.25
C GLY A 172 -5.08 29.33 21.75
N GLY A 173 -5.79 28.48 21.02
CA GLY A 173 -6.15 27.17 21.50
C GLY A 173 -7.20 27.17 22.61
N ARG A 174 -7.63 28.37 23.04
CA ARG A 174 -8.60 28.48 24.12
CA ARG A 174 -8.61 28.50 24.11
C ARG A 174 -9.99 28.22 23.53
N VAL A 175 -10.86 27.62 24.35
CA VAL A 175 -12.25 27.37 23.95
C VAL A 175 -13.19 28.36 24.60
N SER A 176 -13.96 29.04 23.79
CA SER A 176 -14.93 30.00 24.25
C SER A 176 -16.29 29.36 24.28
N LEU A 177 -17.16 29.91 25.09
CA LEU A 177 -18.55 29.61 24.98
C LEU A 177 -19.09 30.63 24.03
N PHE A 178 -20.00 30.22 23.16
CA PHE A 178 -20.78 31.18 22.42
C PHE A 178 -22.24 30.83 22.46
N THR A 179 -23.05 31.86 22.41
CA THR A 179 -24.47 31.68 22.23
C THR A 179 -24.94 32.43 20.98
N SER A 180 -26.10 31.99 20.51
CA SER A 180 -26.84 32.65 19.47
C SER A 180 -28.32 32.46 19.74
N ASN A 181 -29.13 33.11 18.94
CA ASN A 181 -30.56 32.97 19.04
C ASN A 181 -31.00 32.24 17.78
N LEU A 182 -31.92 31.30 17.95
CA LEU A 182 -32.47 30.57 16.82
C LEU A 182 -33.26 31.51 15.90
N SER A 183 -34.11 32.36 16.47
CA SER A 183 -34.96 33.23 15.65
C SER A 183 -34.18 34.32 14.91
N SER A 184 -33.20 34.91 15.59
CA SER A 184 -32.61 36.19 15.16
C SER A 184 -31.11 36.10 14.83
N GLY A 185 -30.52 34.95 15.12
CA GLY A 185 -29.10 34.74 14.93
C GLY A 185 -28.25 35.61 15.85
N GLY A 186 -27.12 36.06 15.34
CA GLY A 186 -26.17 36.83 16.13
C GLY A 186 -25.19 35.94 16.87
N LEU A 187 -24.23 36.58 17.51
CA LEU A 187 -23.19 35.87 18.22
C LEU A 187 -22.75 36.63 19.45
N ARG A 188 -22.72 35.91 20.56
CA ARG A 188 -22.13 36.38 21.80
C ARG A 188 -21.05 35.36 22.12
N VAL A 189 -19.80 35.81 22.26
CA VAL A 189 -18.71 34.95 22.68
C VAL A 189 -18.37 35.27 24.12
N PHE A 190 -18.16 34.23 24.92
CA PHE A 190 -17.75 34.41 26.32
C PHE A 190 -16.44 33.67 26.46
N ASP A 191 -15.39 34.42 26.79
CA ASP A 191 -14.08 33.86 27.12
C ASP A 191 -13.92 33.84 28.65
N SER A 192 -13.23 32.85 29.16
CA SER A 192 -12.76 32.86 30.55
C SER A 192 -11.26 33.13 30.58
N GLY A 193 -10.82 34.01 31.47
CA GLY A 193 -9.39 34.23 31.71
C GLY A 193 -8.67 33.08 32.44
N GLU A 194 -9.44 32.17 33.04
CA GLU A 194 -8.88 31.02 33.79
C GLU A 194 -8.72 29.74 32.97
N GLY A 195 -9.31 29.68 31.79
CA GLY A 195 -9.27 28.46 31.03
C GLY A 195 -10.28 28.42 29.90
N SER A 196 -10.71 27.22 29.59
CA SER A 196 -11.48 26.93 28.40
C SER A 196 -12.74 26.19 28.79
N PHE A 197 -13.84 26.54 28.13
CA PHE A 197 -15.09 25.84 28.31
C PHE A 197 -15.02 24.54 27.54
N SER A 198 -15.47 23.45 28.15
CA SER A 198 -15.32 22.13 27.53
C SER A 198 -16.64 21.48 27.20
N SER A 199 -17.71 22.04 27.74
CA SER A 199 -19.01 21.39 27.75
C SER A 199 -20.01 22.46 28.11
N ALA A 200 -21.23 22.36 27.58
CA ALA A 200 -22.26 23.35 27.87
C ALA A 200 -23.62 22.75 27.68
N SER A 201 -24.55 23.25 28.48
CA SER A 201 -25.94 22.88 28.38
C SER A 201 -26.74 24.00 29.02
N ILE A 202 -27.82 24.40 28.38
CA ILE A 202 -28.64 25.49 28.87
C ILE A 202 -29.58 24.95 29.95
N SER A 203 -29.52 25.56 31.13
CA SER A 203 -30.43 25.27 32.23
C SER A 203 -31.87 25.72 31.97
N PRO A 204 -32.83 25.26 32.78
CA PRO A 204 -34.22 25.77 32.74
C PRO A 204 -34.29 27.27 32.97
N GLY A 205 -33.34 27.80 33.73
CA GLY A 205 -33.21 29.22 33.95
C GLY A 205 -32.74 30.00 32.74
N MET A 206 -32.45 29.30 31.64
CA MET A 206 -31.97 29.92 30.42
C MET A 206 -30.60 30.56 30.59
N LYS A 207 -29.81 30.02 31.51
CA LYS A 207 -28.39 30.34 31.56
C LYS A 207 -27.63 29.12 31.02
N VAL A 208 -26.33 29.26 30.81
CA VAL A 208 -25.52 28.18 30.27
C VAL A 208 -24.72 27.56 31.39
N THR A 209 -24.99 26.30 31.68
CA THR A 209 -24.12 25.53 32.55
C THR A 209 -22.97 25.05 31.70
N ALA A 210 -21.73 25.31 32.14
CA ALA A 210 -20.56 24.91 31.37
C ALA A 210 -19.50 24.27 32.24
N GLY A 211 -18.74 23.37 31.63
CA GLY A 211 -17.50 22.93 32.22
C GLY A 211 -16.41 23.93 31.90
N LEU A 212 -15.73 24.39 32.95
CA LEU A 212 -14.62 25.29 32.78
C LEU A 212 -13.40 24.49 33.18
N GLU A 213 -12.49 24.30 32.24
CA GLU A 213 -11.23 23.62 32.53
C GLU A 213 -10.15 24.67 32.68
N THR A 214 -9.50 24.67 33.81
CA THR A 214 -8.48 25.65 34.11
C THR A 214 -7.11 24.98 34.13
N ALA A 215 -6.10 25.75 34.52
CA ALA A 215 -4.73 25.26 34.62
C ALA A 215 -4.71 23.86 35.22
N ARG A 216 -5.28 23.72 36.43
CA ARG A 216 -5.29 22.46 37.16
C ARG A 216 -6.68 21.78 37.20
N GLU A 217 -7.60 22.27 38.03
CA GLU A 217 -8.92 21.63 38.18
C GLU A 217 -9.91 22.08 37.11
N ALA A 218 -11.02 21.35 37.00
CA ALA A 218 -12.16 21.79 36.18
C ALA A 218 -13.31 21.99 37.14
N ARG A 219 -14.20 22.92 36.82
CA ARG A 219 -15.39 23.10 37.60
C ARG A 219 -16.58 23.49 36.75
N LEU A 220 -17.76 23.36 37.33
CA LEU A 220 -18.99 23.80 36.68
C LEU A 220 -19.23 25.26 37.00
N VAL A 221 -19.60 25.99 35.96
CA VAL A 221 -20.02 27.35 36.13
C VAL A 221 -21.33 27.60 35.43
N THR A 222 -21.93 28.73 35.74
CA THR A 222 -23.17 29.20 35.16
C THR A 222 -22.84 30.49 34.48
N VAL A 223 -22.99 30.55 33.16
CA VAL A 223 -22.78 31.77 32.41
C VAL A 223 -24.15 32.32 32.01
N ASP A 224 -24.44 33.53 32.46
CA ASP A 224 -25.65 34.22 32.07
C ASP A 224 -25.42 34.90 30.73
N PRO A 225 -26.10 34.44 29.68
CA PRO A 225 -25.86 34.98 28.33
C PRO A 225 -26.26 36.44 28.13
N ARG A 226 -26.96 37.02 29.09
CA ARG A 226 -27.45 38.39 28.97
C ARG A 226 -26.36 39.40 29.32
N ASP A 227 -25.49 39.05 30.25
CA ASP A 227 -24.41 39.96 30.68
C ASP A 227 -23.02 39.35 30.74
N GLY A 228 -22.90 38.05 30.52
CA GLY A 228 -21.63 37.36 30.57
C GLY A 228 -21.13 37.08 31.98
N SER A 229 -21.98 37.34 32.97
CA SER A 229 -21.60 37.06 34.34
C SER A 229 -21.39 35.57 34.47
N VAL A 230 -20.41 35.21 35.28
CA VAL A 230 -20.04 33.83 35.52
C VAL A 230 -20.04 33.64 37.03
N GLU A 231 -20.64 32.55 37.47
CA GLU A 231 -20.55 32.11 38.86
C GLU A 231 -20.39 30.58 38.87
N ASP A 232 -19.73 30.07 39.90
CA ASP A 232 -19.64 28.64 40.14
C ASP A 232 -21.02 28.06 40.33
N LEU A 233 -21.30 26.96 39.67
CA LEU A 233 -22.52 26.22 39.93
C LEU A 233 -22.24 25.21 41.03
N GLU A 234 -23.00 25.31 42.11
CA GLU A 234 -22.94 24.35 43.20
C GLU A 234 -24.07 23.36 43.03
N LEU A 235 -23.75 22.08 43.19
CA LEU A 235 -24.72 21.01 43.01
C LEU A 235 -25.20 20.48 44.37
N PRO A 236 -26.38 19.86 44.40
CA PRO A 236 -26.94 19.34 45.66
C PRO A 236 -26.01 18.31 46.34
N SER A 237 -25.49 17.37 45.56
CA SER A 237 -24.52 16.39 46.07
C SER A 237 -23.12 16.86 45.70
N LYS A 238 -22.20 16.65 46.63
CA LYS A 238 -20.85 17.20 46.52
C LYS A 238 -19.87 16.18 46.01
N ASP A 239 -20.33 15.01 45.57
CA ASP A 239 -19.42 14.01 45.04
C ASP A 239 -18.63 14.58 43.88
N PHE A 240 -19.30 15.37 43.05
CA PHE A 240 -18.68 15.91 41.86
C PHE A 240 -17.53 16.85 42.18
N SER A 241 -17.74 17.82 43.05
CA SER A 241 -16.69 18.80 43.30
C SER A 241 -15.56 18.18 44.12
N SER A 242 -15.91 17.24 45.00
CA SER A 242 -14.92 16.49 45.76
C SER A 242 -14.18 15.41 44.91
N TYR A 243 -14.65 15.12 43.70
CA TYR A 243 -13.92 14.28 42.76
C TYR A 243 -12.75 15.07 42.13
N ARG A 244 -12.87 16.39 42.12
CA ARG A 244 -11.81 17.29 41.64
C ARG A 244 -11.36 16.90 40.24
N PRO A 245 -12.28 16.98 39.29
CA PRO A 245 -11.99 16.56 37.91
C PRO A 245 -10.97 17.52 37.30
N THR A 246 -10.10 17.03 36.42
CA THR A 246 -9.21 17.93 35.68
C THR A 246 -9.85 18.29 34.36
N ALA A 247 -10.81 17.50 33.95
CA ALA A 247 -11.47 17.72 32.68
C ALA A 247 -12.96 17.40 32.82
N ILE A 248 -13.79 18.12 32.08
CA ILE A 248 -15.19 17.77 31.99
C ILE A 248 -15.51 17.36 30.57
N THR A 249 -15.76 16.06 30.39
CA THR A 249 -16.06 15.48 29.08
C THR A 249 -17.36 16.00 28.53
N TRP A 250 -18.39 15.95 29.35
CA TRP A 250 -19.74 16.16 28.85
C TRP A 250 -20.68 16.56 30.00
N LEU A 251 -21.67 17.35 29.69
CA LEU A 251 -22.78 17.60 30.61
C LEU A 251 -24.04 17.89 29.83
N GLY A 252 -25.17 17.56 30.44
CA GLY A 252 -26.46 17.78 29.83
C GLY A 252 -27.54 17.69 30.88
N TYR A 253 -28.62 18.44 30.66
CA TYR A 253 -29.80 18.28 31.47
C TYR A 253 -30.57 17.09 30.91
N LEU A 254 -31.04 16.24 31.81
CA LEU A 254 -31.93 15.14 31.47
C LEU A 254 -33.36 15.69 31.44
N PRO A 255 -34.29 14.96 30.83
CA PRO A 255 -35.71 15.36 30.79
C PRO A 255 -36.35 15.65 32.15
N ASP A 256 -35.91 14.96 33.21
CA ASP A 256 -36.43 15.21 34.56
C ASP A 256 -35.77 16.42 35.27
N GLY A 257 -34.91 17.15 34.56
CA GLY A 257 -34.26 18.34 35.08
C GLY A 257 -32.94 18.13 35.80
N ARG A 258 -32.60 16.89 36.10
CA ARG A 258 -31.31 16.56 36.69
C ARG A 258 -30.17 16.85 35.72
N LEU A 259 -29.03 17.25 36.27
CA LEU A 259 -27.86 17.60 35.49
C LEU A 259 -26.88 16.45 35.54
N ALA A 260 -26.64 15.85 34.38
CA ALA A 260 -25.67 14.79 34.23
C ALA A 260 -24.35 15.41 33.85
N VAL A 261 -23.30 15.00 34.54
CA VAL A 261 -21.95 15.46 34.23
C VAL A 261 -21.08 14.22 34.16
N VAL A 262 -20.28 14.18 33.11
CA VAL A 262 -19.19 13.23 32.97
C VAL A 262 -17.93 14.05 33.03
N ALA A 263 -17.14 13.81 34.05
CA ALA A 263 -15.88 14.48 34.25
C ALA A 263 -14.81 13.42 34.38
N ARG A 264 -13.56 13.83 34.23
CA ARG A 264 -12.44 12.89 34.31
C ARG A 264 -11.18 13.46 34.95
N ARG A 265 -10.32 12.53 35.35
CA ARG A 265 -8.98 12.78 35.80
C ARG A 265 -8.14 11.56 35.41
N GLU A 266 -6.91 11.84 34.99
CA GLU A 266 -5.95 10.79 34.70
C GLU A 266 -6.50 9.71 33.80
N GLY A 267 -7.21 10.13 32.75
CA GLY A 267 -7.63 9.25 31.68
C GLY A 267 -8.78 8.33 31.97
N ARG A 268 -9.44 8.55 33.11
CA ARG A 268 -10.61 7.78 33.50
C ARG A 268 -11.70 8.74 33.92
N SER A 269 -12.94 8.38 33.62
CA SER A 269 -14.06 9.27 33.85
C SER A 269 -15.04 8.74 34.87
N ALA A 270 -15.89 9.65 35.33
CA ALA A 270 -16.90 9.35 36.31
C ALA A 270 -18.13 10.13 35.94
N VAL A 271 -19.25 9.61 36.41
CA VAL A 271 -20.56 10.10 36.06
C VAL A 271 -21.22 10.61 37.33
N PHE A 272 -21.89 11.75 37.20
CA PHE A 272 -22.54 12.41 38.32
C PHE A 272 -23.89 12.92 37.89
N ILE A 273 -24.90 12.71 38.72
CA ILE A 273 -26.24 13.23 38.50
C ILE A 273 -26.56 14.16 39.67
N ASP A 274 -26.80 15.43 39.35
CA ASP A 274 -26.91 16.50 40.34
C ASP A 274 -25.79 16.40 41.36
N GLY A 275 -24.57 16.19 40.87
CA GLY A 275 -23.41 16.11 41.73
C GLY A 275 -23.14 14.77 42.39
N GLU A 276 -24.10 13.85 42.36
CA GLU A 276 -23.98 12.56 43.05
C GLU A 276 -23.34 11.52 42.14
N ARG A 277 -22.27 10.90 42.62
CA ARG A 277 -21.59 9.85 41.87
C ARG A 277 -22.57 8.74 41.48
N VAL A 278 -22.55 8.37 40.21
CA VAL A 278 -23.23 7.19 39.74
C VAL A 278 -22.14 6.22 39.30
N GLU A 279 -22.11 5.07 39.97
CA GLU A 279 -21.24 3.96 39.59
C GLU A 279 -21.33 3.66 38.10
N ALA A 280 -20.18 3.48 37.49
CA ALA A 280 -20.08 3.23 36.08
C ALA A 280 -18.85 2.37 35.82
N PRO A 281 -18.86 1.58 34.75
CA PRO A 281 -17.71 0.71 34.46
C PRO A 281 -16.43 1.54 34.27
N GLN A 282 -15.36 1.01 34.83
CA GLN A 282 -14.08 1.70 34.80
C GLN A 282 -13.67 1.94 33.36
N GLY A 283 -13.19 3.16 33.09
CA GLY A 283 -12.74 3.58 31.79
C GLY A 283 -13.23 4.98 31.52
N ASN A 284 -13.84 5.19 30.35
CA ASN A 284 -14.38 6.49 30.00
C ASN A 284 -15.80 6.41 29.50
N HIS A 285 -16.56 7.44 29.79
CA HIS A 285 -17.96 7.48 29.43
C HIS A 285 -18.19 8.68 28.59
N GLY A 286 -19.25 8.62 27.79
CA GLY A 286 -19.69 9.73 26.98
C GLY A 286 -20.97 10.26 27.59
N ARG A 287 -21.91 10.65 26.75
CA ARG A 287 -23.14 11.29 27.22
C ARG A 287 -23.97 10.31 28.03
N VAL A 288 -24.75 10.88 28.92
CA VAL A 288 -25.68 10.12 29.72
C VAL A 288 -27.05 10.54 29.25
N VAL A 289 -27.89 9.54 29.01
CA VAL A 289 -29.27 9.76 28.63
C VAL A 289 -30.14 9.06 29.63
N LEU A 290 -31.36 9.57 29.78
CA LEU A 290 -32.41 8.88 30.48
C LEU A 290 -33.23 8.18 29.43
N TRP A 291 -33.36 6.87 29.60
CA TRP A 291 -34.08 6.02 28.68
C TRP A 291 -34.97 5.15 29.53
N ARG A 292 -36.28 5.32 29.38
CA ARG A 292 -37.28 4.58 30.16
C ARG A 292 -37.00 4.70 31.67
N GLY A 293 -36.74 5.93 32.10
CA GLY A 293 -36.49 6.23 33.51
C GLY A 293 -35.13 5.80 34.06
N LYS A 294 -34.30 5.15 33.24
CA LYS A 294 -33.01 4.61 33.65
CA LYS A 294 -33.01 4.65 33.69
C LYS A 294 -31.84 5.35 32.99
N LEU A 295 -30.67 5.26 33.60
CA LEU A 295 -29.50 5.98 33.12
C LEU A 295 -28.73 5.09 32.16
N VAL A 296 -28.30 5.69 31.06
CA VAL A 296 -27.53 4.98 30.05
C VAL A 296 -26.42 5.89 29.56
N THR A 297 -25.23 5.31 29.36
CA THR A 297 -24.11 6.02 28.77
C THR A 297 -23.32 5.07 27.90
N SER A 298 -22.30 5.58 27.24
CA SER A 298 -21.37 4.70 26.56
C SER A 298 -20.19 4.50 27.47
N HIS A 299 -19.52 3.38 27.28
CA HIS A 299 -18.36 3.06 28.06
C HIS A 299 -17.28 2.53 27.14
N THR A 300 -16.06 2.90 27.43
CA THR A 300 -14.94 2.31 26.76
C THR A 300 -13.78 2.18 27.73
N SER A 301 -12.86 1.31 27.38
CA SER A 301 -11.60 1.21 28.09
C SER A 301 -10.57 0.66 27.15
N LEU A 302 -9.34 0.59 27.61
CA LEU A 302 -8.26 0.07 26.79
C LEU A 302 -8.55 -1.38 26.36
N SER A 303 -9.35 -2.11 27.14
CA SER A 303 -9.76 -3.47 26.79
C SER A 303 -11.24 -3.59 26.44
N THR A 304 -11.95 -2.46 26.33
CA THR A 304 -13.39 -2.49 26.05
C THR A 304 -13.75 -1.57 24.91
N PRO A 305 -13.98 -2.11 23.72
CA PRO A 305 -14.49 -1.30 22.61
C PRO A 305 -15.76 -0.52 22.98
N PRO A 306 -15.91 0.70 22.48
CA PRO A 306 -17.05 1.54 22.84
C PRO A 306 -18.36 0.78 22.84
N ARG A 307 -19.04 0.82 23.95
CA ARG A 307 -20.30 0.10 24.13
C ARG A 307 -21.30 0.95 24.90
N ILE A 308 -22.55 0.54 24.89
CA ILE A 308 -23.62 1.27 25.53
C ILE A 308 -23.97 0.45 26.73
N VAL A 309 -23.94 1.06 27.90
CA VAL A 309 -24.27 0.37 29.14
C VAL A 309 -25.31 1.12 29.93
N SER A 310 -26.06 0.36 30.73
CA SER A 310 -26.95 0.88 31.75
C SER A 310 -26.15 1.19 33.01
N LEU A 311 -26.55 2.26 33.70
CA LEU A 311 -25.97 2.60 34.99
C LEU A 311 -27.04 2.53 36.06
N PRO A 312 -26.67 2.20 37.29
CA PRO A 312 -25.29 1.91 37.68
C PRO A 312 -24.74 0.50 37.46
N SER A 313 -25.52 -0.45 36.94
CA SER A 313 -25.06 -1.85 36.88
C SER A 313 -23.84 -2.11 35.99
N GLY A 314 -23.70 -1.34 34.93
CA GLY A 314 -22.70 -1.59 33.90
C GLY A 314 -23.16 -2.61 32.87
N GLU A 315 -24.40 -3.05 32.97
CA GLU A 315 -24.92 -4.06 32.08
C GLU A 315 -25.03 -3.51 30.66
N PRO A 316 -24.48 -4.26 29.71
CA PRO A 316 -24.42 -3.81 28.32
C PRO A 316 -25.75 -3.90 27.59
N LEU A 317 -26.15 -2.82 26.93
CA LEU A 317 -27.26 -2.83 25.99
C LEU A 317 -26.77 -3.19 24.60
N LEU A 318 -25.63 -2.62 24.23
CA LEU A 318 -25.04 -2.79 22.92
C LEU A 318 -23.55 -2.85 23.10
N GLU A 319 -23.01 -4.04 22.86
CA GLU A 319 -21.60 -4.31 23.04
C GLU A 319 -21.09 -5.23 21.93
N GLY A 320 -20.06 -4.76 21.23
CA GLY A 320 -19.27 -5.61 20.37
C GLY A 320 -18.28 -6.33 21.26
N GLY A 321 -18.45 -7.65 21.34
CA GLY A 321 -17.64 -8.46 22.22
C GLY A 321 -16.21 -8.56 21.73
N LEU A 322 -15.28 -8.12 22.57
CA LEU A 322 -13.86 -8.34 22.30
C LEU A 322 -13.57 -9.82 22.55
N PRO A 323 -13.25 -10.57 21.49
CA PRO A 323 -12.92 -11.99 21.66
C PRO A 323 -11.79 -12.17 22.67
N GLU A 324 -11.85 -13.26 23.41
CA GLU A 324 -10.95 -13.48 24.54
C GLU A 324 -9.46 -13.61 24.16
N ASP A 325 -9.18 -14.14 22.96
CA ASP A 325 -7.79 -14.22 22.47
C ASP A 325 -7.20 -12.82 22.21
N LEU A 326 -7.99 -11.93 21.64
CA LEU A 326 -7.55 -10.56 21.41
C LEU A 326 -7.39 -9.79 22.74
N ARG A 327 -8.31 -10.01 23.68
CA ARG A 327 -8.22 -9.47 25.03
C ARG A 327 -6.94 -9.94 25.69
N ARG A 328 -6.65 -11.23 25.57
CA ARG A 328 -5.47 -11.82 26.21
C ARG A 328 -4.16 -11.29 25.62
N SER A 329 -4.20 -10.79 24.38
CA SER A 329 -3.01 -10.24 23.74
C SER A 329 -2.51 -8.97 24.44
N ILE A 330 -3.39 -8.31 25.20
CA ILE A 330 -2.98 -7.23 26.08
C ILE A 330 -2.80 -7.82 27.48
N ALA A 331 -1.55 -8.08 27.84
CA ALA A 331 -1.20 -8.71 29.10
C ALA A 331 -1.23 -7.73 30.27
N GLY A 332 -1.17 -6.44 29.96
CA GLY A 332 -1.15 -5.44 31.01
C GLY A 332 -1.26 -4.04 30.47
N SER A 333 -1.63 -3.13 31.36
CA SER A 333 -1.66 -1.71 31.04
C SER A 333 -1.28 -0.94 32.28
N ARG A 334 -0.41 0.06 32.11
CA ARG A 334 -0.04 0.94 33.19
C ARG A 334 -0.23 2.37 32.76
N LEU A 335 -0.46 3.25 33.72
CA LEU A 335 -0.35 4.69 33.50
C LEU A 335 0.97 5.06 34.11
N VAL A 336 1.89 5.58 33.30
CA VAL A 336 3.15 6.04 33.84
C VAL A 336 3.33 7.52 33.56
N TRP A 337 4.27 8.12 34.28
CA TRP A 337 4.57 9.52 34.15
C TRP A 337 6.00 9.68 33.70
N VAL A 338 6.16 9.76 32.38
CA VAL A 338 7.45 9.99 31.76
C VAL A 338 8.02 11.33 32.20
N GLU A 339 9.29 11.34 32.55
CA GLU A 339 10.01 12.56 32.84
C GLU A 339 10.47 13.13 31.50
N SER A 340 10.08 14.37 31.22
CA SER A 340 10.39 14.99 29.95
C SER A 340 11.57 15.94 30.15
N PHE A 341 11.98 16.58 29.06
CA PHE A 341 13.20 17.38 28.98
C PHE A 341 13.23 18.54 29.98
N ASP A 342 12.08 19.10 30.29
CA ASP A 342 11.98 20.25 31.18
C ASP A 342 11.38 19.93 32.55
N GLY A 343 11.26 18.65 32.87
CA GLY A 343 10.77 18.22 34.17
C GLY A 343 9.27 18.02 34.19
N SER A 344 8.62 18.21 33.06
CA SER A 344 7.21 17.93 32.96
C SER A 344 7.03 16.43 33.02
N ARG A 345 5.93 16.04 33.65
CA ARG A 345 5.58 14.64 33.72
C ARG A 345 4.54 14.40 32.64
N VAL A 346 4.85 13.50 31.72
CA VAL A 346 3.99 13.20 30.59
C VAL A 346 3.21 11.96 30.93
N PRO A 347 1.91 12.10 31.21
CA PRO A 347 1.09 10.95 31.60
C PRO A 347 0.99 10.04 30.40
N THR A 348 1.46 8.81 30.55
CA THR A 348 1.65 7.96 29.39
C THR A 348 0.99 6.60 29.63
N TYR A 349 0.09 6.24 28.75
CA TYR A 349 -0.52 4.93 28.83
C TYR A 349 0.38 3.95 28.10
N VAL A 350 0.47 2.77 28.68
CA VAL A 350 1.33 1.71 28.21
C VAL A 350 0.52 0.43 28.14
N LEU A 351 0.56 -0.25 27.00
CA LEU A 351 0.11 -1.63 26.92
C LEU A 351 1.30 -2.55 26.82
N GLU A 352 1.41 -3.52 27.72
CA GLU A 352 2.29 -4.64 27.44
C GLU A 352 1.52 -5.67 26.65
N SER A 353 2.12 -6.09 25.54
CA SER A 353 1.64 -7.19 24.73
C SER A 353 1.95 -8.53 25.38
N GLY A 354 0.97 -9.43 25.42
CA GLY A 354 1.19 -10.81 25.81
C GLY A 354 1.89 -11.60 24.72
N ARG A 355 2.11 -10.96 23.58
CA ARG A 355 2.78 -11.58 22.42
C ARG A 355 4.19 -11.07 22.17
N ALA A 356 4.74 -10.32 23.13
CA ALA A 356 6.10 -9.86 23.08
C ALA A 356 6.81 -10.27 24.36
N PRO A 357 8.12 -10.43 24.30
CA PRO A 357 8.93 -10.54 25.51
C PRO A 357 9.13 -9.15 26.14
N THR A 358 9.78 -9.13 27.29
CA THR A 358 10.09 -7.88 27.99
C THR A 358 11.54 -8.02 28.45
N PRO A 359 12.47 -7.23 27.90
CA PRO A 359 12.18 -6.09 27.01
C PRO A 359 11.72 -6.56 25.61
N GLY A 360 10.89 -5.76 24.94
CA GLY A 360 10.30 -6.19 23.69
C GLY A 360 10.10 -5.08 22.69
N PRO A 361 9.81 -5.43 21.43
CA PRO A 361 9.53 -4.43 20.42
C PRO A 361 8.39 -3.56 20.87
N THR A 362 8.59 -2.25 20.82
CA THR A 362 7.67 -1.31 21.44
C THR A 362 7.40 -0.18 20.51
N VAL A 363 6.13 0.18 20.35
CA VAL A 363 5.77 1.30 19.54
C VAL A 363 5.31 2.46 20.41
N VAL A 364 5.96 3.61 20.26
CA VAL A 364 5.41 4.85 20.75
C VAL A 364 4.33 5.25 19.74
N LEU A 365 3.08 5.02 20.13
CA LEU A 365 1.93 5.33 19.30
C LEU A 365 1.38 6.68 19.69
N VAL A 366 1.61 7.68 18.83
CA VAL A 366 1.36 9.08 19.15
C VAL A 366 -0.05 9.48 18.73
N HIS A 367 -0.78 10.14 19.64
CA HIS A 367 -2.16 10.49 19.35
C HIS A 367 -2.26 11.70 18.48
N GLY A 368 -3.40 11.84 17.83
CA GLY A 368 -3.66 12.98 16.97
C GLY A 368 -4.21 14.10 17.80
N GLY A 369 -4.83 15.03 17.12
CA GLY A 369 -5.40 16.21 17.74
C GLY A 369 -4.77 17.48 17.20
N PRO A 370 -3.84 18.09 17.92
CA PRO A 370 -3.21 17.55 19.14
C PRO A 370 -4.12 17.55 20.38
N PHE A 371 -5.26 18.22 20.33
CA PHE A 371 -6.15 18.32 21.48
C PHE A 371 -6.98 17.04 21.62
N ALA A 372 -6.30 16.02 22.11
CA ALA A 372 -6.88 14.71 22.36
C ALA A 372 -6.00 14.08 23.44
N GLU A 373 -6.31 12.86 23.82
CA GLU A 373 -5.51 12.23 24.83
C GLU A 373 -5.57 10.73 24.69
N ASP A 374 -4.49 10.10 25.11
CA ASP A 374 -4.51 8.70 25.35
C ASP A 374 -5.04 8.59 26.75
N SER A 375 -6.11 7.84 26.87
CA SER A 375 -6.81 7.64 28.12
C SER A 375 -7.07 6.15 28.29
N ASP A 376 -7.80 5.81 29.33
CA ASP A 376 -8.28 4.45 29.49
C ASP A 376 -9.50 4.28 28.61
N SER A 377 -9.25 4.33 27.31
CA SER A 377 -10.24 4.29 26.27
C SER A 377 -9.73 3.39 25.17
N TRP A 378 -10.66 2.74 24.47
CA TRP A 378 -10.32 1.79 23.45
C TRP A 378 -9.58 2.47 22.30
N ASP A 379 -8.54 1.78 21.82
CA ASP A 379 -7.72 2.27 20.75
C ASP A 379 -7.40 1.05 19.87
N THR A 380 -8.02 1.00 18.70
CA THR A 380 -7.89 -0.14 17.82
C THR A 380 -6.46 -0.32 17.35
N PHE A 381 -5.79 0.80 17.05
CA PHE A 381 -4.40 0.78 16.63
C PHE A 381 -3.55 0.16 17.70
N ALA A 382 -3.74 0.60 18.94
CA ALA A 382 -2.94 0.11 20.04
C ALA A 382 -3.18 -1.38 20.26
N ALA A 383 -4.44 -1.79 20.21
CA ALA A 383 -4.80 -3.21 20.36
C ALA A 383 -4.15 -4.04 19.26
N SER A 384 -4.25 -3.58 18.01
CA SER A 384 -3.66 -4.30 16.87
CA SER A 384 -3.66 -4.31 16.88
C SER A 384 -2.15 -4.46 17.05
N LEU A 385 -1.50 -3.42 17.56
CA LEU A 385 -0.07 -3.50 17.82
C LEU A 385 0.24 -4.56 18.88
N ALA A 386 -0.55 -4.57 19.95
CA ALA A 386 -0.37 -5.57 21.01
C ALA A 386 -0.68 -6.96 20.50
N ALA A 387 -1.76 -7.10 19.72
CA ALA A 387 -2.04 -8.35 19.03
C ALA A 387 -0.85 -8.74 18.14
N ALA A 388 -0.20 -7.76 17.56
CA ALA A 388 0.89 -8.04 16.63
C ALA A 388 2.23 -8.30 17.33
N GLY A 389 2.24 -8.24 18.66
CA GLY A 389 3.45 -8.49 19.45
C GLY A 389 4.30 -7.25 19.68
N PHE A 390 3.67 -6.10 19.83
CA PHE A 390 4.36 -4.87 20.17
C PHE A 390 3.77 -4.32 21.46
N HIS A 391 4.61 -4.01 22.44
CA HIS A 391 4.18 -3.16 23.54
C HIS A 391 3.85 -1.78 22.95
N VAL A 392 2.96 -1.05 23.61
CA VAL A 392 2.51 0.22 23.08
C VAL A 392 2.67 1.28 24.16
N VAL A 393 3.30 2.39 23.79
CA VAL A 393 3.49 3.54 24.64
C VAL A 393 2.80 4.74 24.01
N MET A 394 1.91 5.35 24.79
CA MET A 394 0.98 6.32 24.27
C MET A 394 1.03 7.55 25.15
N PRO A 395 1.98 8.44 24.85
CA PRO A 395 2.27 9.58 25.71
C PRO A 395 1.36 10.79 25.48
N ASN A 396 0.82 11.36 26.56
CA ASN A 396 0.04 12.60 26.47
C ASN A 396 0.96 13.82 26.46
N TYR A 397 1.56 14.04 25.30
CA TYR A 397 2.46 15.14 25.07
C TYR A 397 1.76 16.47 25.29
N ARG A 398 2.50 17.50 25.69
CA ARG A 398 1.88 18.79 25.89
C ARG A 398 1.09 19.12 24.63
N GLY A 399 -0.09 19.69 24.81
CA GLY A 399 -1.05 19.80 23.73
C GLY A 399 -2.23 18.88 24.01
N SER A 400 -1.98 17.82 24.79
CA SER A 400 -3.02 16.85 25.09
C SER A 400 -4.10 17.49 25.95
N THR A 401 -5.33 17.03 25.76
CA THR A 401 -6.40 17.24 26.73
C THR A 401 -6.21 16.34 27.95
N GLY A 402 -7.02 16.62 28.99
CA GLY A 402 -7.21 15.71 30.11
C GLY A 402 -6.37 15.99 31.33
N TYR A 403 -5.38 16.88 31.18
CA TYR A 403 -4.44 17.20 32.25
C TYR A 403 -4.35 18.70 32.48
N GLY A 404 -5.42 19.41 32.11
CA GLY A 404 -5.55 20.81 32.43
C GLY A 404 -5.14 21.73 31.31
N GLU A 405 -5.55 22.98 31.47
CA GLU A 405 -5.40 23.99 30.43
C GLU A 405 -3.94 24.29 30.12
N GLU A 406 -3.09 24.32 31.14
CA GLU A 406 -1.72 24.74 30.98
C GLU A 406 -0.97 23.74 30.12
N TRP A 407 -1.19 22.45 30.40
CA TRP A 407 -0.55 21.39 29.68
C TRP A 407 -0.96 21.39 28.20
N ARG A 408 -2.24 21.63 27.94
CA ARG A 408 -2.80 21.59 26.59
C ARG A 408 -2.33 22.78 25.77
N LEU A 409 -2.30 23.95 26.39
CA LEU A 409 -1.92 25.16 25.69
C LEU A 409 -0.44 25.33 25.49
N LYS A 410 0.39 24.50 26.13
CA LYS A 410 1.84 24.59 25.92
C LYS A 410 2.28 24.39 24.46
N ILE A 411 1.52 23.58 23.73
CA ILE A 411 1.83 23.29 22.34
C ILE A 411 1.63 24.48 21.41
N ILE A 412 0.76 25.43 21.80
CA ILE A 412 0.40 26.57 20.96
C ILE A 412 1.65 27.34 20.63
N GLY A 413 1.89 27.56 19.34
CA GLY A 413 3.05 28.29 18.88
C GLY A 413 4.31 27.46 18.87
N ASP A 414 4.19 26.17 19.14
CA ASP A 414 5.37 25.35 19.29
C ASP A 414 5.16 23.92 18.79
N PRO A 415 4.60 23.76 17.58
CA PRO A 415 4.47 22.43 17.01
C PRO A 415 5.89 21.96 16.68
N CYS A 416 6.15 20.67 16.81
CA CYS A 416 7.50 20.11 16.68
C CYS A 416 8.47 20.82 17.61
N GLY A 417 8.12 20.85 18.88
CA GLY A 417 8.98 21.45 19.89
C GLY A 417 8.87 20.63 21.14
N GLY A 418 8.27 21.21 22.16
CA GLY A 418 8.14 20.55 23.44
C GLY A 418 7.35 19.26 23.36
N GLU A 419 6.33 19.21 22.51
CA GLU A 419 5.52 18.00 22.46
C GLU A 419 6.32 16.83 21.90
N LEU A 420 7.21 17.11 20.96
CA LEU A 420 8.06 16.09 20.39
C LEU A 420 9.09 15.67 21.42
N GLU A 421 9.52 16.61 22.25
CA GLU A 421 10.39 16.22 23.35
C GLU A 421 9.66 15.24 24.25
N ASP A 422 8.37 15.46 24.49
CA ASP A 422 7.60 14.52 25.32
C ASP A 422 7.54 13.16 24.66
N VAL A 423 7.29 13.14 23.36
CA VAL A 423 7.28 11.89 22.63
C VAL A 423 8.62 11.18 22.76
N SER A 424 9.69 11.95 22.67
CA SER A 424 11.02 11.40 22.70
C SER A 424 11.32 10.90 24.08
N ALA A 425 10.85 11.65 25.09
CA ALA A 425 11.02 11.28 26.48
C ALA A 425 10.33 9.94 26.75
N ALA A 426 9.19 9.72 26.11
CA ALA A 426 8.44 8.48 26.27
C ALA A 426 9.22 7.31 25.65
N ALA A 427 9.86 7.56 24.51
CA ALA A 427 10.76 6.58 23.91
C ALA A 427 11.86 6.24 24.88
N ARG A 428 12.47 7.26 25.45
CA ARG A 428 13.57 7.10 26.39
C ARG A 428 13.08 6.33 27.61
N TRP A 429 11.92 6.67 28.09
CA TRP A 429 11.36 5.97 29.23
C TRP A 429 11.20 4.48 28.92
N ALA A 430 10.71 4.19 27.73
CA ALA A 430 10.37 2.84 27.33
C ALA A 430 11.60 1.95 27.36
N ARG A 431 12.75 2.51 26.97
CA ARG A 431 13.98 1.75 26.95
C ARG A 431 14.60 1.65 28.34
N GLU A 432 14.64 2.77 29.05
CA GLU A 432 15.32 2.82 30.33
C GLU A 432 14.52 2.13 31.46
N SER A 433 13.20 2.05 31.32
CA SER A 433 12.37 1.33 32.25
C SER A 433 12.45 -0.18 32.03
N GLY A 434 13.04 -0.59 30.90
CA GLY A 434 13.21 -1.99 30.58
C GLY A 434 12.08 -2.59 29.78
N LEU A 435 11.12 -1.77 29.35
CA LEU A 435 10.03 -2.27 28.52
C LEU A 435 10.48 -2.59 27.09
N ALA A 436 11.28 -1.72 26.49
CA ALA A 436 11.52 -1.78 25.05
C ALA A 436 12.91 -2.30 24.71
N SER A 437 12.95 -3.35 23.91
CA SER A 437 14.21 -3.86 23.33
C SER A 437 14.52 -3.11 22.05
N GLU A 438 13.49 -2.50 21.50
CA GLU A 438 13.62 -1.69 20.29
C GLU A 438 12.40 -0.80 20.18
N LEU A 439 12.56 0.33 19.52
CA LEU A 439 11.53 1.34 19.52
C LEU A 439 11.14 1.78 18.12
N TYR A 440 9.85 1.94 17.96
CA TYR A 440 9.24 2.41 16.73
C TYR A 440 8.32 3.56 17.10
N ILE A 441 8.07 4.43 16.12
CA ILE A 441 7.05 5.44 16.29
C ILE A 441 5.98 5.25 15.23
N MET A 442 4.75 5.46 15.65
CA MET A 442 3.62 5.34 14.76
C MET A 442 2.62 6.35 15.18
N GLY A 443 1.93 6.91 14.22
CA GLY A 443 0.89 7.87 14.53
C GLY A 443 0.14 8.26 13.30
N TYR A 444 -1.09 8.72 13.55
CA TYR A 444 -2.02 9.15 12.53
C TYR A 444 -2.37 10.61 12.79
N SER A 445 -2.42 11.39 11.71
CA SER A 445 -2.75 12.81 11.76
C SER A 445 -1.66 13.61 12.49
N TYR A 446 -1.97 14.34 13.55
CA TYR A 446 -0.90 15.00 14.32
C TYR A 446 0.11 13.97 14.84
N GLY A 447 -0.36 12.75 15.06
CA GLY A 447 0.51 11.61 15.35
C GLY A 447 1.49 11.30 14.24
N GLY A 448 1.03 11.36 13.00
CA GLY A 448 1.89 11.12 11.85
C GLY A 448 2.85 12.26 11.64
N TYR A 449 2.38 13.48 11.91
CA TYR A 449 3.23 14.65 11.97
C TYR A 449 4.38 14.36 12.94
N MET A 450 4.05 13.80 14.10
CA MET A 450 5.04 13.48 15.11
C MET A 450 6.00 12.39 14.67
N THR A 451 5.53 11.42 13.91
CA THR A 451 6.44 10.44 13.33
C THR A 451 7.45 11.13 12.44
N LEU A 452 6.95 11.98 11.56
CA LEU A 452 7.79 12.66 10.59
C LEU A 452 8.77 13.56 11.33
N CYS A 453 8.28 14.24 12.36
CA CYS A 453 9.10 15.15 13.14
C CYS A 453 10.20 14.40 13.90
N ALA A 454 9.87 13.20 14.36
CA ALA A 454 10.80 12.36 15.08
C ALA A 454 11.88 11.85 14.13
N LEU A 455 11.52 11.45 12.93
CA LEU A 455 12.52 10.87 12.03
C LEU A 455 13.43 11.97 11.45
N THR A 456 12.91 13.18 11.33
CA THR A 456 13.71 14.30 10.83
C THR A 456 14.53 14.98 11.92
N MET A 457 13.96 15.20 13.11
CA MET A 457 14.61 15.94 14.18
C MET A 457 15.29 15.06 15.21
N LYS A 458 14.86 13.81 15.30
CA LYS A 458 15.46 12.86 16.22
C LYS A 458 15.86 11.58 15.49
N PRO A 459 16.72 11.71 14.47
CA PRO A 459 17.19 10.52 13.76
C PRO A 459 17.93 9.62 14.74
N GLY A 460 17.69 8.32 14.69
CA GLY A 460 18.40 7.36 15.53
C GLY A 460 17.63 7.00 16.79
N LEU A 461 16.64 7.81 17.17
CA LEU A 461 15.84 7.54 18.37
C LEU A 461 14.96 6.32 18.14
N PHE A 462 14.33 6.27 16.99
CA PHE A 462 13.46 5.16 16.58
C PHE A 462 14.14 4.35 15.53
N LYS A 463 13.77 3.08 15.45
CA LYS A 463 14.30 2.17 14.44
C LYS A 463 13.57 2.41 13.11
N ALA A 464 12.32 2.83 13.23
CA ALA A 464 11.44 3.03 12.06
C ALA A 464 10.20 3.75 12.50
N GLY A 465 9.53 4.33 11.51
CA GLY A 465 8.40 5.19 11.77
C GLY A 465 7.29 4.93 10.78
N VAL A 466 6.06 4.97 11.28
CA VAL A 466 4.84 4.92 10.48
C VAL A 466 4.13 6.28 10.61
N ALA A 467 3.85 6.89 9.46
CA ALA A 467 3.22 8.21 9.47
C ALA A 467 1.95 8.14 8.64
N GLY A 468 0.81 8.09 9.33
CA GLY A 468 -0.49 8.06 8.70
C GLY A 468 -1.15 9.43 8.64
N ALA A 469 -1.83 9.73 7.54
CA ALA A 469 -2.56 10.97 7.37
C ALA A 469 -1.81 12.14 7.99
N SER A 470 -0.55 12.29 7.60
CA SER A 470 0.34 13.14 8.40
C SER A 470 0.32 14.59 7.95
N VAL A 471 0.62 15.48 8.88
CA VAL A 471 0.96 16.86 8.54
C VAL A 471 2.40 16.84 8.06
N VAL A 472 2.61 17.42 6.90
CA VAL A 472 3.88 17.39 6.21
C VAL A 472 4.41 18.80 6.04
N ASP A 473 3.52 19.71 5.68
CA ASP A 473 3.89 21.09 5.45
C ASP A 473 2.76 21.99 5.89
N TRP A 474 2.97 22.73 6.98
CA TRP A 474 1.97 23.64 7.49
C TRP A 474 1.54 24.65 6.45
N GLU A 475 2.47 25.18 5.67
CA GLU A 475 2.23 26.26 4.72
CA GLU A 475 2.11 26.28 4.76
C GLU A 475 1.31 25.79 3.57
N GLU A 476 1.71 24.69 2.94
CA GLU A 476 0.97 24.21 1.79
C GLU A 476 -0.39 23.71 2.25
N MET A 477 -0.39 23.02 3.39
CA MET A 477 -1.61 22.50 3.97
C MET A 477 -2.56 23.65 4.27
N TYR A 478 -2.01 24.73 4.81
CA TYR A 478 -2.79 25.91 5.14
C TYR A 478 -3.49 26.42 3.89
N GLU A 479 -2.71 26.55 2.82
CA GLU A 479 -3.20 27.09 1.57
C GLU A 479 -4.25 26.22 0.90
N LEU A 480 -4.28 24.93 1.25
CA LEU A 480 -5.26 23.99 0.76
C LEU A 480 -6.39 23.79 1.76
N SER A 481 -6.35 24.50 2.87
CA SER A 481 -7.31 24.28 3.96
C SER A 481 -8.55 25.17 3.83
N ASP A 482 -9.66 24.67 4.35
CA ASP A 482 -10.88 25.44 4.49
C ASP A 482 -10.77 26.40 5.68
N ALA A 483 -11.78 27.21 5.93
CA ALA A 483 -11.70 28.27 6.92
C ALA A 483 -11.39 27.75 8.31
N ALA A 484 -12.02 26.63 8.66
CA ALA A 484 -11.80 26.07 9.99
C ALA A 484 -10.33 25.67 10.16
N PHE A 485 -9.82 24.93 9.18
CA PHE A 485 -8.45 24.42 9.31
C PHE A 485 -7.44 25.51 9.19
N ARG A 486 -7.72 26.51 8.35
CA ARG A 486 -6.81 27.64 8.25
C ARG A 486 -6.66 28.31 9.61
N ASN A 487 -7.80 28.61 10.24
CA ASN A 487 -7.78 29.21 11.57
C ASN A 487 -7.08 28.31 12.59
N PHE A 488 -7.34 27.02 12.53
CA PHE A 488 -6.71 26.11 13.45
C PHE A 488 -5.19 26.08 13.30
N ILE A 489 -4.73 25.97 12.07
CA ILE A 489 -3.30 26.04 11.77
C ILE A 489 -2.69 27.36 12.30
N GLU A 490 -3.35 28.48 12.06
CA GLU A 490 -2.91 29.79 12.60
C GLU A 490 -2.71 29.75 14.12
N GLN A 491 -3.69 29.19 14.81
CA GLN A 491 -3.61 29.06 16.25
C GLN A 491 -2.48 28.15 16.69
N LEU A 492 -2.39 26.98 16.07
CA LEU A 492 -1.38 26.00 16.46
C LEU A 492 0.03 26.53 16.23
N THR A 493 0.22 27.19 15.10
CA THR A 493 1.54 27.67 14.69
C THR A 493 1.89 29.05 15.20
N GLY A 494 0.92 29.74 15.80
CA GLY A 494 1.13 31.11 16.25
C GLY A 494 1.02 32.18 15.17
N GLY A 495 0.67 31.78 13.96
CA GLY A 495 0.56 32.71 12.84
C GLY A 495 1.84 32.90 12.04
N SER A 496 2.96 32.52 12.65
CA SER A 496 4.28 32.77 12.10
C SER A 496 4.61 31.86 10.91
N ARG A 497 5.10 32.44 9.83
CA ARG A 497 5.55 31.68 8.68
C ARG A 497 6.86 30.96 8.96
N GLU A 498 7.69 31.55 9.81
CA GLU A 498 8.89 30.90 10.33
C GLU A 498 8.56 29.57 10.97
N ILE A 499 7.61 29.57 11.90
CA ILE A 499 7.15 28.37 12.58
C ILE A 499 6.56 27.41 11.58
N MET A 500 5.69 27.92 10.70
CA MET A 500 5.03 27.07 9.71
C MET A 500 6.06 26.34 8.81
N ARG A 501 7.13 27.03 8.46
CA ARG A 501 8.19 26.48 7.62
C ARG A 501 9.13 25.59 8.44
N SER A 502 9.65 26.12 9.53
CA SER A 502 10.73 25.46 10.25
C SER A 502 10.26 24.19 10.94
N ARG A 503 8.96 24.12 11.27
CA ARG A 503 8.39 22.95 11.97
C ARG A 503 7.69 21.98 11.02
N SER A 504 7.89 22.16 9.72
CA SER A 504 7.35 21.24 8.73
C SER A 504 8.48 20.26 8.39
N PRO A 505 8.26 18.96 8.55
CA PRO A 505 9.31 17.97 8.35
C PRO A 505 9.77 17.81 6.91
N ILE A 506 8.95 18.23 5.95
CA ILE A 506 9.38 18.27 4.56
C ILE A 506 10.57 19.21 4.32
N ASN A 507 10.85 20.11 5.27
CA ASN A 507 12.03 20.95 5.17
C ASN A 507 13.27 20.38 5.91
N HIS A 508 13.13 19.18 6.47
CA HIS A 508 14.22 18.53 7.19
C HIS A 508 14.43 17.08 6.72
N VAL A 509 14.06 16.79 5.48
CA VAL A 509 14.11 15.42 4.95
C VAL A 509 15.53 14.82 4.96
N ASP A 510 16.55 15.63 4.66
CA ASP A 510 17.96 15.19 4.62
C ASP A 510 18.40 14.44 5.85
N ARG A 511 17.81 14.82 6.97
CA ARG A 511 18.14 14.23 8.27
C ARG A 511 17.56 12.84 8.49
N ILE A 512 16.58 12.44 7.68
CA ILE A 512 15.99 11.10 7.82
C ILE A 512 17.02 10.01 7.54
N LYS A 513 17.07 9.04 8.46
CA LYS A 513 17.97 7.91 8.42
C LYS A 513 17.23 6.58 8.66
N GLU A 514 15.99 6.62 9.13
CA GLU A 514 15.27 5.37 9.42
C GLU A 514 14.23 5.07 8.36
N PRO A 515 13.93 3.79 8.17
CA PRO A 515 12.77 3.40 7.36
C PRO A 515 11.48 4.12 7.77
N LEU A 516 10.75 4.55 6.75
CA LEU A 516 9.54 5.33 6.94
C LEU A 516 8.42 4.73 6.12
N ALA A 517 7.28 4.48 6.77
CA ALA A 517 6.09 4.06 6.06
C ALA A 517 5.09 5.19 6.11
N LEU A 518 4.74 5.69 4.93
CA LEU A 518 3.70 6.69 4.77
C LEU A 518 2.37 6.01 4.44
N ILE A 519 1.32 6.37 5.17
CA ILE A 519 -0.01 5.87 4.91
C ILE A 519 -0.88 7.12 4.84
N HIS A 520 -1.73 7.21 3.81
CA HIS A 520 -2.49 8.43 3.59
C HIS A 520 -3.74 8.16 2.78
N PRO A 521 -4.92 8.55 3.29
CA PRO A 521 -6.14 8.50 2.48
C PRO A 521 -6.08 9.57 1.40
N GLN A 522 -6.45 9.23 0.18
CA GLN A 522 -6.19 10.11 -0.96
C GLN A 522 -6.97 11.43 -0.92
N ASN A 523 -8.17 11.39 -0.35
CA ASN A 523 -9.04 12.57 -0.32
C ASN A 523 -9.10 13.22 1.03
N ASP A 524 -8.09 13.01 1.83
CA ASP A 524 -7.97 13.70 3.11
C ASP A 524 -7.96 15.20 2.86
N SER A 525 -8.85 15.91 3.52
CA SER A 525 -8.98 17.34 3.36
C SER A 525 -8.55 18.11 4.61
N ARG A 526 -8.06 17.39 5.61
CA ARG A 526 -7.51 17.99 6.80
C ARG A 526 -6.00 18.00 6.64
N THR A 527 -5.46 16.80 6.42
CA THR A 527 -4.07 16.59 6.08
C THR A 527 -4.03 16.13 4.64
N PRO A 528 -3.93 17.08 3.71
CA PRO A 528 -4.11 16.74 2.30
C PRO A 528 -2.92 15.94 1.81
N LEU A 529 -3.16 15.20 0.74
CA LEU A 529 -2.20 14.29 0.15
C LEU A 529 -1.12 15.04 -0.60
N LYS A 530 -1.44 16.21 -1.14
CA LYS A 530 -0.50 16.90 -2.02
C LYS A 530 0.84 17.12 -1.37
N PRO A 531 0.90 17.70 -0.17
CA PRO A 531 2.20 17.84 0.51
C PRO A 531 2.91 16.51 0.63
N LEU A 532 2.15 15.45 0.86
CA LEU A 532 2.75 14.14 1.02
C LEU A 532 3.36 13.60 -0.27
N LEU A 533 2.75 13.86 -1.41
CA LEU A 533 3.38 13.53 -2.68
C LEU A 533 4.71 14.24 -2.81
N ARG A 534 4.75 15.53 -2.45
CA ARG A 534 6.00 16.28 -2.50
C ARG A 534 7.03 15.66 -1.53
N LEU A 535 6.59 15.21 -0.36
CA LEU A 535 7.49 14.55 0.58
C LEU A 535 8.12 13.30 -0.03
N MET A 536 7.31 12.51 -0.73
CA MET A 536 7.81 11.30 -1.40
C MET A 536 8.80 11.68 -2.47
N GLY A 537 8.52 12.80 -3.14
CA GLY A 537 9.41 13.37 -4.12
C GLY A 537 10.77 13.67 -3.52
N GLU A 538 10.76 14.30 -2.35
CA GLU A 538 11.99 14.62 -1.61
C GLU A 538 12.71 13.39 -1.12
N LEU A 539 11.94 12.41 -0.65
CA LEU A 539 12.47 11.16 -0.15
C LEU A 539 13.16 10.41 -1.26
N LEU A 540 12.56 10.43 -2.44
CA LEU A 540 13.08 9.75 -3.60
C LEU A 540 14.38 10.42 -4.06
N ALA A 541 14.36 11.75 -4.18
CA ALA A 541 15.51 12.52 -4.65
C ALA A 541 16.71 12.44 -3.72
N ARG A 542 16.45 12.24 -2.43
CA ARG A 542 17.51 12.25 -1.42
C ARG A 542 17.94 10.82 -1.04
N GLY A 543 17.45 9.84 -1.77
CA GLY A 543 17.90 8.46 -1.64
C GLY A 543 17.39 7.84 -0.37
N LYS A 544 16.28 8.34 0.16
CA LYS A 544 15.76 7.85 1.44
C LYS A 544 14.91 6.60 1.24
N THR A 545 15.00 5.70 2.21
CA THR A 545 14.16 4.53 2.24
C THR A 545 12.75 4.92 2.69
N PHE A 546 11.76 4.55 1.90
CA PHE A 546 10.39 4.77 2.30
C PHE A 546 9.42 3.88 1.56
N GLU A 547 8.32 3.59 2.22
CA GLU A 547 7.16 3.05 1.58
C GLU A 547 5.97 3.96 1.78
N ALA A 548 4.98 3.80 0.94
CA ALA A 548 3.83 4.67 0.94
C ALA A 548 2.64 3.85 0.59
N HIS A 549 1.53 4.15 1.22
CA HIS A 549 0.29 3.48 0.87
C HIS A 549 -0.76 4.57 0.83
N ILE A 550 -1.31 4.81 -0.35
CA ILE A 550 -2.37 5.77 -0.54
C ILE A 550 -3.66 5.01 -0.74
N ILE A 551 -4.64 5.33 0.10
CA ILE A 551 -5.89 4.57 0.18
C ILE A 551 -6.95 5.30 -0.65
N PRO A 552 -7.65 4.59 -1.54
CA PRO A 552 -8.56 5.23 -2.49
C PRO A 552 -9.89 5.65 -1.86
N ASP A 553 -10.52 6.68 -2.45
CA ASP A 553 -11.83 7.16 -2.05
C ASP A 553 -12.00 7.20 -0.56
N ALA A 554 -11.00 7.71 0.13
CA ALA A 554 -11.11 7.82 1.56
C ALA A 554 -10.40 9.07 2.01
N GLY A 555 -10.85 9.57 3.15
CA GLY A 555 -10.33 10.77 3.73
C GLY A 555 -9.88 10.49 5.14
N HIS A 556 -9.77 11.57 5.90
CA HIS A 556 -9.29 11.51 7.27
C HIS A 556 -10.13 10.67 8.21
N ALA A 557 -11.44 10.73 8.00
CA ALA A 557 -12.44 10.11 8.86
C ALA A 557 -12.83 8.77 8.26
N ILE A 558 -12.23 7.71 8.81
CA ILE A 558 -12.44 6.36 8.31
C ILE A 558 -13.79 5.83 8.79
N ASN A 559 -14.72 5.61 7.86
CA ASN A 559 -16.06 5.12 8.18
C ASN A 559 -16.42 3.71 7.63
N THR A 560 -15.45 2.98 7.09
CA THR A 560 -15.70 1.58 6.77
C THR A 560 -14.62 0.69 7.36
N MET A 561 -14.98 -0.56 7.57
CA MET A 561 -14.05 -1.52 8.13
C MET A 561 -12.92 -1.84 7.13
N GLU A 562 -13.22 -1.83 5.85
CA GLU A 562 -12.19 -2.09 4.87
C GLU A 562 -11.19 -0.95 4.74
N ASP A 563 -11.66 0.28 4.88
CA ASP A 563 -10.77 1.44 4.87
C ASP A 563 -9.86 1.41 6.10
N ALA A 564 -10.40 1.01 7.24
CA ALA A 564 -9.62 0.93 8.46
C ALA A 564 -8.55 -0.15 8.30
N VAL A 565 -8.89 -1.26 7.66
CA VAL A 565 -7.91 -2.28 7.31
C VAL A 565 -6.83 -1.70 6.36
N LYS A 566 -7.25 -0.99 5.33
CA LYS A 566 -6.31 -0.43 4.38
C LYS A 566 -5.33 0.55 5.03
N ILE A 567 -5.74 1.27 6.08
CA ILE A 567 -4.83 2.22 6.68
C ILE A 567 -4.04 1.67 7.88
N LEU A 568 -4.51 0.59 8.48
CA LEU A 568 -3.86 -0.02 9.64
C LEU A 568 -2.96 -1.18 9.24
N LEU A 569 -3.45 -2.05 8.37
CA LEU A 569 -2.72 -3.23 7.97
C LEU A 569 -1.29 -2.95 7.49
N PRO A 570 -1.09 -1.97 6.61
CA PRO A 570 0.27 -1.67 6.15
C PRO A 570 1.18 -1.25 7.30
N ALA A 571 0.64 -0.56 8.30
CA ALA A 571 1.43 -0.11 9.44
C ALA A 571 1.94 -1.32 10.17
N VAL A 572 1.05 -2.28 10.40
CA VAL A 572 1.39 -3.44 11.20
C VAL A 572 2.37 -4.33 10.46
N PHE A 573 2.13 -4.55 9.17
CA PHE A 573 3.08 -5.25 8.31
C PHE A 573 4.43 -4.60 8.30
N PHE A 574 4.46 -3.28 8.17
CA PHE A 574 5.70 -2.55 8.12
C PHE A 574 6.51 -2.79 9.41
N LEU A 575 5.84 -2.67 10.55
CA LEU A 575 6.51 -2.81 11.83
C LEU A 575 6.93 -4.26 12.09
N ALA A 576 6.11 -5.22 11.64
CA ALA A 576 6.43 -6.65 11.75
C ALA A 576 7.67 -6.95 10.91
N THR A 577 7.72 -6.34 9.75
CA THR A 577 8.82 -6.52 8.85
C THR A 577 10.10 -5.96 9.43
N GLN A 578 9.99 -4.77 10.01
CA GLN A 578 11.12 -4.09 10.63
C GLN A 578 11.67 -4.89 11.81
N ARG A 579 10.77 -5.56 12.52
CA ARG A 579 11.11 -6.36 13.68
C ARG A 579 11.95 -7.60 13.31
N GLU A 580 11.88 -8.06 12.05
CA GLU A 580 12.74 -9.15 11.59
C GLU A 580 14.19 -8.72 11.30
N ARG A 581 14.42 -7.42 11.15
CA ARG A 581 15.80 -6.90 11.15
C ARG A 581 16.44 -7.01 12.55
N GLU B 8 -11.90 -11.77 4.71
CA GLU B 8 -11.53 -12.29 3.37
C GLU B 8 -10.02 -12.14 3.12
N PHE B 9 -9.49 -10.98 3.52
CA PHE B 9 -8.11 -10.60 3.27
C PHE B 9 -7.05 -11.59 3.77
N SER B 10 -7.31 -12.26 4.91
CA SER B 10 -6.34 -13.16 5.52
C SER B 10 -6.08 -14.41 4.67
N ARG B 11 -7.13 -14.89 4.01
CA ARG B 11 -7.04 -16.04 3.09
C ARG B 11 -6.23 -15.69 1.86
N ILE B 12 -6.33 -14.44 1.41
CA ILE B 12 -5.57 -13.99 0.25
C ILE B 12 -4.09 -13.92 0.62
N VAL B 13 -3.80 -13.45 1.84
CA VAL B 13 -2.42 -13.39 2.30
C VAL B 13 -1.84 -14.78 2.30
N ARG B 14 -2.58 -15.74 2.84
CA ARG B 14 -2.11 -17.13 2.92
C ARG B 14 -1.87 -17.73 1.53
N ASP B 15 -2.74 -17.43 0.57
CA ASP B 15 -2.62 -17.99 -0.79
C ASP B 15 -1.47 -17.33 -1.54
N VAL B 16 -1.36 -16.01 -1.40
CA VAL B 16 -0.31 -15.25 -2.08
C VAL B 16 1.06 -15.63 -1.52
N GLU B 17 1.17 -15.65 -0.20
CA GLU B 17 2.39 -16.08 0.48
C GLU B 17 2.86 -17.43 0.00
N ARG B 18 2.01 -18.44 0.14
CA ARG B 18 2.40 -19.81 -0.20
C ARG B 18 2.65 -20.02 -1.72
N LEU B 19 2.00 -19.24 -2.58
CA LEU B 19 2.24 -19.36 -4.02
C LEU B 19 3.60 -18.75 -4.36
N ILE B 20 3.97 -17.70 -3.63
CA ILE B 20 5.27 -17.07 -3.75
C ILE B 20 6.35 -17.98 -3.17
N ALA B 21 6.02 -18.59 -2.03
CA ALA B 21 6.95 -19.36 -1.22
C ALA B 21 7.31 -20.70 -1.84
N VAL B 22 6.45 -21.25 -2.70
CA VAL B 22 6.74 -22.57 -3.26
C VAL B 22 8.08 -22.48 -4.02
N GLU B 23 8.89 -23.52 -3.89
CA GLU B 23 10.25 -23.55 -4.42
C GLU B 23 10.19 -23.61 -5.94
N LYS B 24 11.08 -22.86 -6.57
CA LYS B 24 11.10 -22.69 -8.01
C LYS B 24 12.56 -22.76 -8.46
N TYR B 25 12.81 -23.55 -9.49
CA TYR B 25 14.16 -23.82 -9.90
C TYR B 25 14.38 -23.53 -11.37
N SER B 26 15.60 -23.10 -11.67
CA SER B 26 16.03 -22.89 -13.04
C SER B 26 17.43 -23.50 -13.15
N LEU B 27 17.65 -24.19 -14.27
CA LEU B 27 18.86 -24.93 -14.48
C LEU B 27 19.83 -23.97 -15.15
N GLN B 28 21.04 -23.88 -14.60
CA GLN B 28 22.04 -22.95 -15.11
C GLN B 28 23.21 -23.68 -15.75
N GLY B 29 23.54 -24.86 -15.27
CA GLY B 29 24.58 -25.64 -15.91
C GLY B 29 25.13 -26.73 -15.01
N VAL B 30 26.32 -27.16 -15.35
CA VAL B 30 27.03 -28.19 -14.60
C VAL B 30 28.38 -27.61 -14.21
N VAL B 31 28.71 -27.77 -12.93
CA VAL B 31 29.94 -27.23 -12.34
C VAL B 31 30.49 -28.24 -11.33
N ASP B 32 31.44 -27.79 -10.48
CA ASP B 32 32.08 -28.62 -9.46
C ASP B 32 32.42 -30.02 -9.98
N GLY B 33 32.79 -30.08 -11.26
CA GLY B 33 33.02 -31.36 -11.91
C GLY B 33 31.77 -31.97 -12.49
N ASP B 34 30.85 -32.46 -11.63
CA ASP B 34 29.66 -33.20 -12.09
C ASP B 34 28.43 -32.95 -11.21
N LYS B 35 28.17 -31.69 -10.89
CA LYS B 35 27.00 -31.30 -10.11
C LYS B 35 26.19 -30.28 -10.89
N LEU B 36 24.87 -30.32 -10.74
CA LEU B 36 24.02 -29.31 -11.36
C LEU B 36 24.13 -27.99 -10.61
N LEU B 37 24.22 -26.90 -11.36
CA LEU B 37 24.09 -25.58 -10.79
C LEU B 37 22.68 -25.08 -11.05
N VAL B 38 22.02 -24.65 -9.99
CA VAL B 38 20.61 -24.36 -10.02
C VAL B 38 20.38 -23.06 -9.28
N VAL B 39 19.62 -22.16 -9.89
CA VAL B 39 19.15 -20.98 -9.18
C VAL B 39 17.76 -21.26 -8.63
N GLY B 40 17.65 -21.32 -7.31
CA GLY B 40 16.37 -21.61 -6.67
C GLY B 40 15.81 -20.42 -5.93
N PHE B 41 14.53 -20.15 -6.14
CA PHE B 41 13.78 -19.44 -5.13
C PHE B 41 13.37 -20.39 -4.04
N SER B 42 14.12 -20.37 -2.93
CA SER B 42 13.85 -21.24 -1.81
C SER B 42 14.22 -20.50 -0.52
N GLU B 43 13.60 -20.89 0.59
CA GLU B 43 13.76 -20.20 1.88
C GLU B 43 13.67 -18.69 1.66
N GLY B 44 12.66 -18.28 0.91
CA GLY B 44 12.33 -16.87 0.79
C GLY B 44 13.17 -16.00 -0.13
N SER B 45 14.15 -16.55 -0.83
CA SER B 45 14.90 -15.72 -1.76
C SER B 45 15.53 -16.48 -2.90
N VAL B 46 16.12 -15.73 -3.81
CA VAL B 46 16.85 -16.31 -4.94
C VAL B 46 18.24 -16.63 -4.44
N ASN B 47 18.56 -17.92 -4.40
CA ASN B 47 19.91 -18.39 -4.07
C ASN B 47 20.41 -19.29 -5.19
N ALA B 48 21.66 -19.72 -5.09
CA ALA B 48 22.22 -20.61 -6.08
C ALA B 48 22.68 -21.87 -5.35
N TYR B 49 22.48 -23.02 -5.98
CA TYR B 49 22.73 -24.31 -5.36
C TYR B 49 23.47 -25.27 -6.27
N LEU B 50 24.26 -26.14 -5.65
CA LEU B 50 24.76 -27.34 -6.29
C LEU B 50 23.78 -28.46 -5.95
N TYR B 51 23.53 -29.33 -6.91
CA TYR B 51 22.69 -30.50 -6.72
C TYR B 51 23.52 -31.73 -7.11
N ASP B 52 23.91 -32.53 -6.11
CA ASP B 52 24.75 -33.72 -6.33
C ASP B 52 23.89 -34.94 -6.66
N GLY B 53 22.61 -34.87 -6.31
CA GLY B 53 21.72 -36.01 -6.44
C GLY B 53 20.87 -36.15 -5.20
N GLY B 54 21.46 -35.85 -4.05
CA GLY B 54 20.75 -35.84 -2.78
C GLY B 54 20.27 -34.45 -2.43
N GLU B 55 20.85 -33.89 -1.36
CA GLU B 55 20.47 -32.55 -0.89
C GLU B 55 21.22 -31.48 -1.67
N THR B 56 20.70 -30.25 -1.60
CA THR B 56 21.31 -29.10 -2.25
C THR B 56 22.32 -28.42 -1.31
N VAL B 57 23.42 -27.94 -1.89
CA VAL B 57 24.37 -27.12 -1.16
C VAL B 57 24.18 -25.69 -1.65
N LYS B 58 23.86 -24.79 -0.73
CA LYS B 58 23.74 -23.36 -1.04
C LYS B 58 25.13 -22.74 -1.21
N LEU B 59 25.34 -22.11 -2.36
CA LEU B 59 26.63 -21.54 -2.72
C LEU B 59 26.79 -20.12 -2.19
N ASN B 60 25.71 -19.37 -2.22
CA ASN B 60 25.72 -17.94 -1.85
C ASN B 60 25.35 -17.72 -0.39
N ARG B 61 25.59 -16.50 0.07
CA ARG B 61 25.25 -16.10 1.43
C ARG B 61 23.92 -15.36 1.36
N GLU B 62 23.99 -14.08 1.06
CA GLU B 62 22.81 -13.24 0.98
C GLU B 62 22.14 -13.52 -0.37
N PRO B 63 20.90 -13.09 -0.54
CA PRO B 63 20.17 -13.27 -1.82
C PRO B 63 20.90 -12.74 -3.05
N ILE B 64 20.72 -13.41 -4.18
CA ILE B 64 21.36 -13.03 -5.45
C ILE B 64 20.28 -12.73 -6.48
N ASN B 65 20.66 -12.10 -7.58
CA ASN B 65 19.73 -11.95 -8.68
CA ASN B 65 19.76 -11.92 -8.72
C ASN B 65 19.89 -13.09 -9.69
N SER B 66 21.12 -13.51 -9.94
CA SER B 66 21.40 -14.59 -10.89
C SER B 66 22.82 -15.15 -10.76
N VAL B 67 23.16 -16.05 -11.66
CA VAL B 67 24.52 -16.55 -11.75
C VAL B 67 24.94 -16.51 -13.20
N LEU B 68 26.25 -16.43 -13.41
CA LEU B 68 26.76 -16.45 -14.77
C LEU B 68 26.74 -17.90 -15.28
N ASP B 69 26.48 -18.06 -16.58
CA ASP B 69 26.50 -19.36 -17.23
C ASP B 69 27.89 -19.97 -17.07
N PRO B 70 27.99 -21.13 -16.41
CA PRO B 70 29.30 -21.75 -16.21
C PRO B 70 29.67 -22.65 -17.39
N HIS B 71 30.93 -22.64 -17.77
CA HIS B 71 31.46 -23.64 -18.68
C HIS B 71 31.29 -24.95 -17.93
N TYR B 72 31.03 -26.03 -18.66
CA TYR B 72 30.90 -27.34 -18.00
C TYR B 72 32.05 -27.63 -17.07
N GLY B 73 31.73 -27.91 -15.80
CA GLY B 73 32.67 -28.48 -14.87
C GLY B 73 33.56 -27.51 -14.13
N VAL B 74 33.51 -26.22 -14.46
CA VAL B 74 34.33 -25.22 -13.76
C VAL B 74 34.08 -25.28 -12.26
N GLY B 75 35.14 -25.11 -11.47
CA GLY B 75 35.08 -25.22 -10.02
C GLY B 75 34.77 -23.92 -9.28
N ARG B 76 33.94 -23.08 -9.90
CA ARG B 76 33.42 -21.89 -9.23
C ARG B 76 32.11 -21.44 -9.84
N VAL B 77 31.48 -20.49 -9.18
CA VAL B 77 30.25 -19.87 -9.64
C VAL B 77 30.42 -18.36 -9.49
N ILE B 78 29.90 -17.60 -10.44
CA ILE B 78 29.87 -16.16 -10.31
C ILE B 78 28.42 -15.72 -10.03
N LEU B 79 28.21 -15.18 -8.84
CA LEU B 79 26.92 -14.62 -8.46
C LEU B 79 26.82 -13.17 -8.94
N VAL B 80 25.61 -12.80 -9.34
CA VAL B 80 25.27 -11.43 -9.70
C VAL B 80 24.33 -10.98 -8.58
N ARG B 81 24.70 -9.88 -7.92
CA ARG B 81 23.91 -9.38 -6.81
C ARG B 81 23.82 -7.88 -6.89
N ASP B 82 22.59 -7.40 -6.77
CA ASP B 82 22.27 -6.00 -6.69
C ASP B 82 22.81 -5.49 -5.36
N VAL B 83 23.80 -4.61 -5.43
CA VAL B 83 24.37 -3.97 -4.25
C VAL B 83 23.82 -2.55 -4.08
N SER B 84 22.67 -2.26 -4.70
CA SER B 84 22.08 -0.91 -4.71
C SER B 84 20.60 -0.88 -4.29
N LYS B 85 20.21 -1.76 -3.38
CA LYS B 85 18.85 -1.79 -2.84
C LYS B 85 17.73 -1.72 -3.91
N GLY B 86 17.96 -2.40 -5.04
CA GLY B 86 16.95 -2.56 -6.07
C GLY B 86 17.21 -1.86 -7.39
N ALA B 87 18.15 -0.92 -7.43
CA ALA B 87 18.46 -0.14 -8.64
C ALA B 87 19.25 -0.92 -9.69
N GLU B 88 19.59 -2.15 -9.36
CA GLU B 88 20.27 -3.08 -10.29
C GLU B 88 21.60 -2.58 -10.79
N GLN B 89 22.33 -1.95 -9.88
CA GLN B 89 23.76 -1.82 -9.99
C GLN B 89 24.25 -3.06 -9.26
N HIS B 90 24.65 -4.04 -10.07
CA HIS B 90 25.11 -5.34 -9.61
C HIS B 90 26.60 -5.43 -9.44
N ALA B 91 27.03 -6.23 -8.47
CA ALA B 91 28.41 -6.65 -8.35
C ALA B 91 28.46 -8.12 -8.64
N LEU B 92 29.64 -8.58 -9.00
CA LEU B 92 29.90 -9.98 -9.20
C LEU B 92 30.65 -10.50 -7.99
N PHE B 93 30.32 -11.71 -7.59
CA PHE B 93 30.94 -12.37 -6.47
C PHE B 93 31.27 -13.77 -6.93
N LYS B 94 32.52 -14.20 -6.72
CA LYS B 94 32.86 -15.56 -7.09
C LYS B 94 32.83 -16.46 -5.86
N VAL B 95 32.24 -17.64 -6.05
CA VAL B 95 32.29 -18.68 -5.04
C VAL B 95 32.98 -19.89 -5.63
N ASN B 96 34.02 -20.37 -4.96
CA ASN B 96 34.62 -21.67 -5.28
C ASN B 96 33.62 -22.75 -4.88
N THR B 97 33.31 -23.66 -5.80
CA THR B 97 32.31 -24.71 -5.54
C THR B 97 32.69 -25.68 -4.42
N SER B 98 33.99 -25.87 -4.20
CA SER B 98 34.49 -26.65 -3.07
C SER B 98 34.32 -25.94 -1.71
N ARG B 99 34.11 -24.63 -1.73
CA ARG B 99 33.91 -23.85 -0.51
C ARG B 99 32.62 -23.02 -0.59
N PRO B 100 31.48 -23.69 -0.43
CA PRO B 100 30.18 -23.01 -0.51
C PRO B 100 30.00 -22.00 0.62
N GLY B 101 29.34 -20.88 0.31
CA GLY B 101 29.07 -19.82 1.26
C GLY B 101 30.21 -18.84 1.49
N GLU B 102 31.29 -18.94 0.70
CA GLU B 102 32.42 -18.04 0.87
C GLU B 102 32.60 -17.23 -0.39
N GLU B 103 32.25 -15.95 -0.31
CA GLU B 103 32.15 -15.09 -1.47
C GLU B 103 33.33 -14.14 -1.57
N GLN B 104 33.79 -13.93 -2.79
CA GLN B 104 34.85 -13.01 -3.10
C GLN B 104 34.28 -12.03 -4.11
N ARG B 105 34.02 -10.81 -3.66
CA ARG B 105 33.60 -9.75 -4.53
C ARG B 105 34.68 -9.49 -5.59
N LEU B 106 34.28 -9.45 -6.86
CA LEU B 106 35.18 -9.12 -7.95
C LEU B 106 35.29 -7.62 -8.02
N GLU B 107 36.26 -7.07 -7.29
CA GLU B 107 36.35 -5.62 -7.05
C GLU B 107 36.73 -4.84 -8.34
N ALA B 108 37.38 -5.53 -9.28
CA ALA B 108 37.75 -4.91 -10.56
C ALA B 108 36.53 -4.49 -11.39
N VAL B 109 35.37 -5.10 -11.14
CA VAL B 109 34.13 -4.73 -11.81
C VAL B 109 33.30 -3.84 -10.89
N LYS B 110 33.28 -2.56 -11.24
CA LYS B 110 32.43 -1.59 -10.59
C LYS B 110 30.95 -1.99 -10.77
N PRO B 111 30.09 -1.63 -9.83
CA PRO B 111 28.67 -1.93 -9.94
C PRO B 111 28.09 -1.40 -11.24
N MET B 112 27.31 -2.23 -11.91
CA MET B 112 26.63 -1.84 -13.14
C MET B 112 25.46 -2.78 -13.35
N ARG B 113 24.58 -2.41 -14.26
CA ARG B 113 23.52 -3.34 -14.61
C ARG B 113 24.14 -4.45 -15.43
N ILE B 114 24.35 -5.59 -14.79
CA ILE B 114 24.81 -6.78 -15.46
C ILE B 114 23.63 -7.35 -16.24
N LEU B 115 23.81 -7.51 -17.55
CA LEU B 115 22.78 -7.99 -18.45
C LEU B 115 22.87 -9.50 -18.66
N SER B 116 24.08 -10.02 -18.61
CA SER B 116 24.36 -11.43 -18.90
C SER B 116 25.79 -11.71 -18.60
N GLY B 117 26.13 -12.99 -18.56
CA GLY B 117 27.53 -13.35 -18.53
C GLY B 117 27.76 -14.83 -18.52
N VAL B 118 29.01 -15.16 -18.83
CA VAL B 118 29.48 -16.53 -18.89
C VAL B 118 30.80 -16.58 -18.12
N ASP B 119 31.09 -17.73 -17.56
CA ASP B 119 32.35 -17.94 -16.90
C ASP B 119 32.97 -19.13 -17.60
N THR B 120 34.05 -18.90 -18.32
CA THR B 120 34.84 -19.96 -18.96
C THR B 120 35.68 -20.75 -17.96
N GLY B 121 35.87 -20.22 -16.75
CA GLY B 121 36.80 -20.76 -15.79
C GLY B 121 38.06 -19.91 -15.71
N GLU B 122 38.49 -19.35 -16.85
CA GLU B 122 39.67 -18.47 -16.92
C GLU B 122 39.25 -17.00 -17.01
N ALA B 123 38.09 -16.76 -17.61
CA ALA B 123 37.57 -15.41 -17.84
C ALA B 123 36.08 -15.32 -17.47
N VAL B 124 35.71 -14.23 -16.83
CA VAL B 124 34.31 -13.95 -16.56
C VAL B 124 33.92 -12.92 -17.60
N VAL B 125 33.03 -13.32 -18.51
CA VAL B 125 32.69 -12.51 -19.67
C VAL B 125 31.26 -12.09 -19.56
N PHE B 126 31.01 -10.80 -19.54
CA PHE B 126 29.67 -10.29 -19.28
C PHE B 126 29.37 -9.03 -20.06
N THR B 127 28.08 -8.77 -20.27
CA THR B 127 27.67 -7.48 -20.77
C THR B 127 27.07 -6.70 -19.63
N GLY B 128 27.30 -5.41 -19.61
CA GLY B 128 26.65 -4.57 -18.63
C GLY B 128 26.34 -3.18 -19.14
N ALA B 129 25.41 -2.54 -18.46
CA ALA B 129 24.93 -1.24 -18.83
C ALA B 129 25.31 -0.26 -17.76
N THR B 130 25.91 0.84 -18.18
CA THR B 130 26.16 1.97 -17.33
C THR B 130 25.37 3.14 -17.90
N GLU B 131 25.59 4.29 -17.31
CA GLU B 131 25.01 5.51 -17.81
C GLU B 131 25.37 5.79 -19.27
N ASP B 132 26.64 5.59 -19.62
CA ASP B 132 27.12 6.07 -20.91
C ASP B 132 27.24 4.99 -21.97
N ARG B 133 27.06 3.71 -21.57
CA ARG B 133 27.23 2.62 -22.54
C ARG B 133 26.69 1.28 -22.11
N VAL B 134 26.44 0.44 -23.10
CA VAL B 134 26.32 -0.98 -22.92
C VAL B 134 27.64 -1.52 -23.48
N ALA B 135 28.35 -2.30 -22.70
CA ALA B 135 29.63 -2.87 -23.14
C ALA B 135 29.70 -4.35 -22.85
N LEU B 136 30.57 -5.01 -23.60
CA LEU B 136 30.97 -6.39 -23.40
C LEU B 136 32.35 -6.37 -22.73
N TYR B 137 32.46 -7.09 -21.62
CA TYR B 137 33.63 -7.10 -20.77
C TYR B 137 34.17 -8.50 -20.59
N ALA B 138 35.47 -8.58 -20.34
CA ALA B 138 36.12 -9.83 -19.97
C ALA B 138 37.01 -9.56 -18.78
N LEU B 139 36.84 -10.35 -17.72
CA LEU B 139 37.65 -10.23 -16.54
C LEU B 139 38.41 -11.53 -16.40
N ASP B 140 39.73 -11.47 -16.55
CA ASP B 140 40.59 -12.65 -16.36
C ASP B 140 41.63 -12.28 -15.34
N GLY B 141 42.68 -13.08 -15.21
CA GLY B 141 43.71 -12.83 -14.20
C GLY B 141 44.56 -11.60 -14.48
N GLY B 142 44.54 -11.13 -15.73
CA GLY B 142 45.17 -9.87 -16.09
C GLY B 142 44.35 -8.63 -15.71
N GLY B 143 43.09 -8.82 -15.32
CA GLY B 143 42.24 -7.71 -14.95
C GLY B 143 41.04 -7.57 -15.87
N LEU B 144 40.38 -6.40 -15.78
CA LEU B 144 39.17 -6.13 -16.54
C LEU B 144 39.53 -5.48 -17.84
N ARG B 145 38.88 -5.91 -18.91
CA ARG B 145 39.04 -5.33 -20.23
C ARG B 145 37.65 -5.10 -20.81
N GLU B 146 37.40 -3.93 -21.37
CA GLU B 146 36.24 -3.72 -22.20
C GLU B 146 36.57 -4.22 -23.59
N LEU B 147 35.86 -5.27 -24.01
CA LEU B 147 36.02 -5.90 -25.32
C LEU B 147 35.39 -5.11 -26.44
N ALA B 148 34.20 -4.59 -26.20
CA ALA B 148 33.44 -3.87 -27.21
C ALA B 148 32.34 -3.04 -26.56
N ARG B 149 32.02 -1.92 -27.18
CA ARG B 149 30.81 -1.20 -26.84
C ARG B 149 29.70 -1.76 -27.73
N LEU B 150 28.54 -2.03 -27.14
CA LEU B 150 27.39 -2.53 -27.88
C LEU B 150 26.42 -1.39 -28.19
N PRO B 151 25.84 -1.39 -29.38
CA PRO B 151 24.79 -0.42 -29.74
C PRO B 151 23.56 -0.40 -28.83
N GLY B 152 23.19 -1.53 -28.26
CA GLY B 152 22.12 -1.56 -27.30
C GLY B 152 22.29 -2.73 -26.37
N PHE B 153 21.20 -3.14 -25.72
CA PHE B 153 21.16 -4.36 -24.95
C PHE B 153 21.81 -5.47 -25.73
N GLY B 154 22.79 -6.10 -25.10
CA GLY B 154 23.40 -7.29 -25.66
C GLY B 154 23.65 -8.33 -24.60
N PHE B 155 23.71 -9.58 -25.03
CA PHE B 155 23.77 -10.72 -24.11
C PHE B 155 24.82 -11.72 -24.60
N VAL B 156 25.66 -12.19 -23.69
CA VAL B 156 26.60 -13.24 -24.04
C VAL B 156 25.81 -14.52 -24.12
N SER B 157 25.90 -15.20 -25.25
CA SER B 157 25.27 -16.50 -25.45
C SER B 157 26.25 -17.64 -25.15
N ASP B 158 27.48 -17.52 -25.64
CA ASP B 158 28.43 -18.62 -25.55
C ASP B 158 29.85 -18.18 -25.82
N ILE B 159 30.80 -18.98 -25.33
CA ILE B 159 32.21 -18.80 -25.58
C ILE B 159 32.84 -20.16 -25.86
N ARG B 160 33.73 -20.20 -26.84
CA ARG B 160 34.54 -21.36 -27.10
C ARG B 160 35.90 -20.91 -27.59
N GLY B 161 36.94 -21.30 -26.88
CA GLY B 161 38.26 -20.74 -27.09
C GLY B 161 38.15 -19.23 -26.93
N ASP B 162 38.60 -18.51 -27.95
CA ASP B 162 38.61 -17.06 -27.95
C ASP B 162 37.41 -16.43 -28.64
N LEU B 163 36.48 -17.26 -29.10
CA LEU B 163 35.29 -16.73 -29.76
C LEU B 163 34.14 -16.53 -28.78
N ILE B 164 33.67 -15.30 -28.65
CA ILE B 164 32.47 -15.00 -27.90
C ILE B 164 31.35 -14.77 -28.88
N ALA B 165 30.21 -15.39 -28.64
CA ALA B 165 28.99 -15.14 -29.41
C ALA B 165 27.95 -14.60 -28.47
N GLY B 166 27.16 -13.67 -29.00
CA GLY B 166 26.10 -13.05 -28.24
C GLY B 166 24.98 -12.56 -29.12
N LEU B 167 23.95 -12.07 -28.47
CA LEU B 167 22.79 -11.54 -29.16
C LEU B 167 22.60 -10.10 -28.76
N GLY B 168 22.26 -9.26 -29.71
CA GLY B 168 22.16 -7.84 -29.46
C GLY B 168 20.89 -7.26 -30.05
N PHE B 169 20.17 -6.53 -29.22
CA PHE B 169 19.06 -5.68 -29.67
C PHE B 169 19.65 -4.37 -30.14
N PHE B 170 20.20 -4.38 -31.34
CA PHE B 170 20.94 -3.24 -31.85
C PHE B 170 20.17 -2.37 -32.81
N GLY B 171 18.88 -2.64 -32.96
CA GLY B 171 18.01 -1.76 -33.72
C GLY B 171 16.72 -2.39 -34.19
N GLY B 172 15.66 -1.58 -34.18
CA GLY B 172 14.37 -1.94 -34.75
C GLY B 172 13.66 -3.07 -34.05
N GLY B 173 14.06 -3.37 -32.82
CA GLY B 173 13.62 -4.56 -32.11
C GLY B 173 14.16 -5.87 -32.66
N ARG B 174 15.04 -5.77 -33.65
CA ARG B 174 15.65 -6.93 -34.25
C ARG B 174 16.78 -7.36 -33.35
N VAL B 175 17.07 -8.65 -33.38
CA VAL B 175 18.19 -9.21 -32.63
C VAL B 175 19.26 -9.61 -33.64
N SER B 176 20.44 -9.04 -33.44
CA SER B 176 21.62 -9.37 -34.20
C SER B 176 22.36 -10.44 -33.47
N LEU B 177 23.17 -11.19 -34.20
CA LEU B 177 24.22 -11.98 -33.60
C LEU B 177 25.44 -11.09 -33.52
N PHE B 178 26.22 -11.21 -32.46
CA PHE B 178 27.52 -10.58 -32.45
C PHE B 178 28.56 -11.56 -31.98
N THR B 179 29.80 -11.34 -32.41
CA THR B 179 30.92 -12.07 -31.90
C THR B 179 31.96 -11.07 -31.45
N SER B 180 32.79 -11.49 -30.51
CA SER B 180 33.97 -10.74 -30.13
C SER B 180 35.08 -11.74 -29.92
N ASN B 181 36.25 -11.21 -29.63
CA ASN B 181 37.42 -12.01 -29.34
C ASN B 181 37.74 -11.80 -27.86
N LEU B 182 37.66 -12.88 -27.10
CA LEU B 182 37.99 -12.92 -25.70
C LEU B 182 39.33 -12.27 -25.34
N SER B 183 40.35 -12.48 -26.17
CA SER B 183 41.68 -11.96 -25.89
C SER B 183 41.92 -10.52 -26.30
N SER B 184 41.31 -10.09 -27.40
CA SER B 184 41.63 -8.79 -28.00
C SER B 184 40.41 -7.90 -28.28
N GLY B 185 39.22 -8.36 -27.90
CA GLY B 185 38.01 -7.58 -28.03
C GLY B 185 37.58 -7.43 -29.49
N GLY B 186 36.98 -6.28 -29.80
CA GLY B 186 36.41 -6.01 -31.10
C GLY B 186 34.96 -6.42 -31.14
N LEU B 187 34.33 -6.20 -32.28
CA LEU B 187 32.94 -6.58 -32.46
C LEU B 187 32.62 -6.78 -33.92
N ARG B 188 31.99 -7.90 -34.23
CA ARG B 188 31.37 -8.15 -35.51
C ARG B 188 29.88 -8.37 -35.25
N VAL B 189 29.06 -7.75 -36.08
CA VAL B 189 27.62 -7.82 -35.94
C VAL B 189 27.05 -8.48 -37.19
N PHE B 190 26.19 -9.45 -36.96
CA PHE B 190 25.58 -10.19 -38.06
C PHE B 190 24.09 -9.99 -37.99
N ASP B 191 23.59 -9.41 -39.05
CA ASP B 191 22.18 -9.10 -39.18
C ASP B 191 21.61 -9.97 -40.26
N SER B 192 20.45 -10.54 -39.97
CA SER B 192 19.66 -11.26 -40.97
C SER B 192 18.54 -10.35 -41.39
N GLY B 193 18.34 -10.20 -42.70
CA GLY B 193 17.17 -9.51 -43.23
C GLY B 193 15.89 -10.34 -43.18
N GLU B 194 16.01 -11.63 -42.87
CA GLU B 194 14.85 -12.52 -42.74
C GLU B 194 14.24 -12.56 -41.33
N GLY B 195 15.00 -12.12 -40.34
CA GLY B 195 14.51 -12.14 -38.97
C GLY B 195 15.56 -11.88 -37.92
N SER B 196 15.32 -12.45 -36.75
CA SER B 196 16.11 -12.19 -35.55
C SER B 196 16.75 -13.47 -35.06
N PHE B 197 17.98 -13.35 -34.57
CA PHE B 197 18.65 -14.48 -33.94
C PHE B 197 18.14 -14.56 -32.52
N SER B 198 17.89 -15.75 -32.01
CA SER B 198 17.14 -15.89 -30.77
C SER B 198 17.92 -16.65 -29.68
N SER B 199 18.78 -17.56 -30.10
CA SER B 199 19.69 -18.30 -29.20
C SER B 199 20.99 -18.50 -30.02
N ALA B 200 22.11 -18.73 -29.34
CA ALA B 200 23.36 -18.99 -30.02
C ALA B 200 24.25 -19.91 -29.22
N SER B 201 24.99 -20.74 -29.96
CA SER B 201 25.98 -21.62 -29.39
C SER B 201 27.06 -21.95 -30.41
N ILE B 202 28.30 -21.89 -29.97
CA ILE B 202 29.45 -22.11 -30.82
C ILE B 202 29.73 -23.60 -30.94
N SER B 203 29.66 -24.12 -32.16
CA SER B 203 29.97 -25.50 -32.45
C SER B 203 31.47 -25.73 -32.28
N PRO B 204 31.88 -26.99 -32.16
CA PRO B 204 33.30 -27.33 -32.07
C PRO B 204 34.10 -26.88 -33.31
N GLY B 205 33.42 -26.75 -34.46
CA GLY B 205 34.03 -26.23 -35.68
C GLY B 205 34.18 -24.73 -35.67
N MET B 206 33.91 -24.12 -34.51
CA MET B 206 34.08 -22.68 -34.29
C MET B 206 33.18 -21.85 -35.23
N LYS B 207 31.98 -22.36 -35.45
CA LYS B 207 30.92 -21.66 -36.16
C LYS B 207 29.82 -21.39 -35.13
N VAL B 208 29.08 -20.30 -35.31
CA VAL B 208 27.99 -19.99 -34.42
C VAL B 208 26.69 -20.58 -34.94
N THR B 209 26.17 -21.60 -34.24
CA THR B 209 24.81 -22.10 -34.46
C THR B 209 23.84 -21.17 -33.76
N ALA B 210 22.75 -20.83 -34.43
CA ALA B 210 21.84 -19.82 -33.92
C ALA B 210 20.43 -20.08 -34.37
N GLY B 211 19.49 -19.87 -33.45
CA GLY B 211 18.09 -19.84 -33.81
C GLY B 211 17.86 -18.57 -34.58
N LEU B 212 17.15 -18.68 -35.70
CA LEU B 212 16.78 -17.53 -36.50
C LEU B 212 15.26 -17.56 -36.59
N GLU B 213 14.63 -16.52 -36.05
CA GLU B 213 13.18 -16.44 -35.99
C GLU B 213 12.74 -15.50 -37.09
N THR B 214 12.07 -16.07 -38.09
CA THR B 214 11.60 -15.31 -39.24
C THR B 214 10.14 -14.98 -39.01
N ALA B 215 9.48 -14.46 -40.05
CA ALA B 215 8.13 -13.88 -39.95
C ALA B 215 7.15 -14.66 -39.09
N ARG B 216 7.02 -15.96 -39.36
CA ARG B 216 6.05 -16.78 -38.63
C ARG B 216 6.62 -18.18 -38.27
N GLU B 217 7.94 -18.33 -38.33
CA GLU B 217 8.57 -19.63 -38.12
C GLU B 217 10.01 -19.45 -37.66
N ALA B 218 10.63 -20.54 -37.24
CA ALA B 218 11.97 -20.42 -36.70
C ALA B 218 12.78 -21.61 -37.14
N ARG B 219 14.02 -21.36 -37.52
CA ARG B 219 14.91 -22.43 -37.94
C ARG B 219 16.32 -22.24 -37.42
N LEU B 220 17.17 -23.22 -37.64
CA LEU B 220 18.56 -23.10 -37.24
C LEU B 220 19.43 -22.75 -38.44
N VAL B 221 20.44 -21.94 -38.20
CA VAL B 221 21.43 -21.54 -39.18
C VAL B 221 22.82 -21.57 -38.53
N THR B 222 23.83 -21.82 -39.35
CA THR B 222 25.21 -21.71 -38.95
C THR B 222 25.73 -20.38 -39.48
N VAL B 223 26.37 -19.62 -38.62
CA VAL B 223 27.05 -18.40 -39.02
C VAL B 223 28.55 -18.60 -38.84
N ASP B 224 29.31 -18.32 -39.89
CA ASP B 224 30.76 -18.24 -39.79
C ASP B 224 31.13 -16.81 -39.40
N PRO B 225 31.79 -16.63 -38.25
CA PRO B 225 32.11 -15.27 -37.78
C PRO B 225 33.21 -14.54 -38.58
N ARG B 226 33.99 -15.29 -39.37
CA ARG B 226 35.03 -14.72 -40.23
C ARG B 226 34.48 -14.00 -41.47
N ASP B 227 33.46 -14.56 -42.11
CA ASP B 227 32.97 -14.03 -43.38
C ASP B 227 31.47 -13.78 -43.43
N GLY B 228 30.81 -13.82 -42.28
CA GLY B 228 29.37 -13.65 -42.21
C GLY B 228 28.54 -14.65 -43.00
N SER B 229 29.15 -15.71 -43.52
CA SER B 229 28.41 -16.70 -44.30
C SER B 229 27.36 -17.34 -43.38
N VAL B 230 26.14 -17.43 -43.89
CA VAL B 230 25.03 -18.04 -43.21
C VAL B 230 24.48 -19.15 -44.11
N GLU B 231 24.43 -20.35 -43.57
CA GLU B 231 23.79 -21.46 -44.24
C GLU B 231 22.81 -22.06 -43.25
N ASP B 232 21.89 -22.87 -43.73
CA ASP B 232 20.96 -23.55 -42.86
C ASP B 232 21.64 -24.75 -42.26
N LEU B 233 21.39 -24.96 -40.97
CA LEU B 233 21.91 -26.11 -40.29
C LEU B 233 20.91 -27.22 -40.47
N GLU B 234 21.39 -28.35 -40.98
CA GLU B 234 20.56 -29.53 -41.18
C GLU B 234 21.07 -30.58 -40.21
N LEU B 235 20.18 -31.03 -39.32
CA LEU B 235 20.51 -32.01 -38.29
C LEU B 235 20.24 -33.42 -38.80
N PRO B 236 20.83 -34.44 -38.15
CA PRO B 236 20.62 -35.85 -38.55
C PRO B 236 19.14 -36.27 -38.49
N SER B 237 18.47 -35.95 -37.39
CA SER B 237 17.06 -36.26 -37.24
C SER B 237 16.20 -35.09 -37.70
N LYS B 238 15.08 -35.39 -38.34
CA LYS B 238 14.16 -34.38 -38.88
C LYS B 238 12.99 -34.10 -37.97
N ASP B 239 13.01 -34.58 -36.74
CA ASP B 239 11.93 -34.28 -35.79
C ASP B 239 11.81 -32.76 -35.57
N PHE B 240 12.93 -32.05 -35.63
CA PHE B 240 12.94 -30.62 -35.33
C PHE B 240 12.29 -29.82 -36.47
N SER B 241 12.76 -30.09 -37.69
CA SER B 241 12.16 -29.54 -38.92
C SER B 241 10.65 -29.74 -38.97
N SER B 242 10.23 -30.99 -38.71
CA SER B 242 8.82 -31.38 -38.79
C SER B 242 7.99 -30.75 -37.67
N TYR B 243 8.64 -30.47 -36.54
CA TYR B 243 7.96 -29.81 -35.45
C TYR B 243 7.42 -28.43 -35.86
N ARG B 244 8.14 -27.76 -36.76
CA ARG B 244 7.78 -26.45 -37.29
C ARG B 244 7.73 -25.43 -36.17
N PRO B 245 8.83 -25.26 -35.44
CA PRO B 245 8.82 -24.36 -34.29
C PRO B 245 8.57 -22.95 -34.77
N THR B 246 7.89 -22.14 -33.97
CA THR B 246 7.80 -20.71 -34.26
C THR B 246 8.86 -19.90 -33.54
N ALA B 247 9.48 -20.49 -32.51
CA ALA B 247 10.53 -19.81 -31.76
C ALA B 247 11.57 -20.80 -31.26
N ILE B 248 12.77 -20.32 -30.97
CA ILE B 248 13.78 -21.15 -30.31
C ILE B 248 14.05 -20.57 -28.94
N THR B 249 13.69 -21.32 -27.91
CA THR B 249 13.96 -20.95 -26.54
C THR B 249 15.45 -20.90 -26.25
N TRP B 250 16.13 -21.99 -26.57
CA TRP B 250 17.52 -22.12 -26.23
C TRP B 250 18.14 -23.22 -27.08
N LEU B 251 19.40 -23.06 -27.40
CA LEU B 251 20.21 -24.16 -27.92
C LEU B 251 21.60 -24.13 -27.34
N GLY B 252 22.28 -25.27 -27.43
CA GLY B 252 23.62 -25.38 -26.92
C GLY B 252 24.21 -26.72 -27.24
N TYR B 253 25.51 -26.72 -27.54
CA TYR B 253 26.22 -27.94 -27.77
C TYR B 253 26.55 -28.53 -26.42
N LEU B 254 26.26 -29.82 -26.26
CA LEU B 254 26.60 -30.53 -25.04
C LEU B 254 28.08 -30.87 -25.15
N PRO B 255 28.71 -31.33 -24.07
CA PRO B 255 30.10 -31.80 -24.12
C PRO B 255 30.42 -32.91 -25.16
N ASP B 256 29.46 -33.76 -25.47
CA ASP B 256 29.68 -34.81 -26.49
C ASP B 256 29.50 -34.32 -27.94
N GLY B 257 29.30 -33.01 -28.13
CA GLY B 257 29.18 -32.42 -29.45
C GLY B 257 27.76 -32.38 -29.99
N ARG B 258 26.85 -33.13 -29.37
CA ARG B 258 25.44 -33.12 -29.76
C ARG B 258 24.84 -31.75 -29.49
N LEU B 259 23.89 -31.37 -30.32
CA LEU B 259 23.23 -30.07 -30.22
C LEU B 259 21.84 -30.23 -29.60
N ALA B 260 21.68 -29.70 -28.39
CA ALA B 260 20.40 -29.65 -27.74
C ALA B 260 19.68 -28.38 -28.15
N VAL B 261 18.42 -28.54 -28.51
CA VAL B 261 17.57 -27.41 -28.86
C VAL B 261 16.26 -27.52 -28.10
N VAL B 262 15.82 -26.39 -27.58
CA VAL B 262 14.49 -26.26 -27.03
C VAL B 262 13.82 -25.22 -27.90
N ALA B 263 12.77 -25.63 -28.58
CA ALA B 263 12.03 -24.76 -29.48
C ALA B 263 10.58 -24.83 -29.06
N ARG B 264 9.77 -23.92 -29.56
CA ARG B 264 8.40 -23.85 -29.11
C ARG B 264 7.41 -23.39 -30.17
N ARG B 265 6.17 -23.84 -29.96
CA ARG B 265 4.99 -23.46 -30.73
C ARG B 265 3.87 -23.19 -29.72
N GLU B 266 3.16 -22.08 -29.87
CA GLU B 266 1.91 -21.83 -29.14
C GLU B 266 2.08 -21.97 -27.63
N GLY B 267 3.16 -21.41 -27.12
CA GLY B 267 3.47 -21.41 -25.70
C GLY B 267 3.83 -22.74 -25.05
N ARG B 268 4.13 -23.77 -25.82
CA ARG B 268 4.74 -24.99 -25.29
C ARG B 268 5.98 -25.32 -26.09
N SER B 269 6.98 -25.89 -25.41
CA SER B 269 8.26 -26.18 -26.04
C SER B 269 8.50 -27.67 -26.18
N ALA B 270 9.49 -27.99 -27.00
CA ALA B 270 9.92 -29.34 -27.26
C ALA B 270 11.44 -29.39 -27.27
N VAL B 271 11.95 -30.50 -26.75
CA VAL B 271 13.36 -30.75 -26.63
C VAL B 271 13.85 -31.63 -27.78
N PHE B 272 14.97 -31.23 -28.35
CA PHE B 272 15.58 -31.90 -29.49
C PHE B 272 17.07 -32.05 -29.27
N ILE B 273 17.59 -33.27 -29.40
CA ILE B 273 19.03 -33.54 -29.37
C ILE B 273 19.43 -33.99 -30.76
N ASP B 274 20.26 -33.18 -31.43
CA ASP B 274 20.65 -33.42 -32.82
C ASP B 274 19.41 -33.60 -33.70
N GLY B 275 18.40 -32.77 -33.43
CA GLY B 275 17.17 -32.76 -34.18
C GLY B 275 16.12 -33.76 -33.76
N GLU B 276 16.47 -34.68 -32.87
CA GLU B 276 15.59 -35.78 -32.49
C GLU B 276 14.80 -35.43 -31.25
N ARG B 277 13.48 -35.64 -31.29
CA ARG B 277 12.61 -35.41 -30.15
C ARG B 277 13.04 -36.24 -28.94
N VAL B 278 13.30 -35.56 -27.83
CA VAL B 278 13.34 -36.17 -26.52
C VAL B 278 12.03 -35.75 -25.86
N GLU B 279 11.27 -36.74 -25.40
CA GLU B 279 9.98 -36.48 -24.78
C GLU B 279 10.22 -35.73 -23.48
N ALA B 280 9.35 -34.77 -23.19
CA ALA B 280 9.49 -33.92 -22.03
C ALA B 280 8.11 -33.58 -21.49
N PRO B 281 8.02 -33.32 -20.20
CA PRO B 281 6.72 -32.96 -19.62
C PRO B 281 6.17 -31.74 -20.34
N GLN B 282 4.87 -31.76 -20.61
CA GLN B 282 4.17 -30.70 -21.30
C GLN B 282 4.33 -29.34 -20.62
N GLY B 283 4.60 -28.32 -21.43
CA GLY B 283 4.81 -26.98 -20.91
C GLY B 283 6.02 -26.36 -21.56
N ASN B 284 6.90 -25.75 -20.76
CA ASN B 284 8.09 -25.13 -21.27
C ASN B 284 9.34 -25.58 -20.55
N HIS B 285 10.43 -25.55 -21.30
CA HIS B 285 11.71 -26.02 -20.82
C HIS B 285 12.76 -24.97 -21.04
N GLY B 286 13.84 -25.07 -20.29
CA GLY B 286 14.96 -24.18 -20.45
C GLY B 286 16.11 -24.94 -21.04
N ARG B 287 17.31 -24.56 -20.59
CA ARG B 287 18.52 -25.15 -21.10
C ARG B 287 18.53 -26.62 -20.76
N VAL B 288 19.17 -27.39 -21.65
CA VAL B 288 19.31 -28.80 -21.48
C VAL B 288 20.80 -29.07 -21.24
N VAL B 289 21.08 -29.85 -20.22
CA VAL B 289 22.45 -30.26 -19.93
C VAL B 289 22.51 -31.76 -19.93
N LEU B 290 23.72 -32.26 -20.15
CA LEU B 290 24.03 -33.65 -19.89
C LEU B 290 24.65 -33.74 -18.50
N TRP B 291 24.23 -34.75 -17.75
CA TRP B 291 24.64 -34.91 -16.35
C TRP B 291 24.41 -36.36 -15.99
N ARG B 292 25.48 -37.08 -15.65
CA ARG B 292 25.40 -38.52 -15.38
C ARG B 292 24.83 -39.28 -16.58
N GLY B 293 25.26 -38.91 -17.79
CA GLY B 293 24.77 -39.54 -19.00
C GLY B 293 23.26 -39.45 -19.23
N LYS B 294 22.64 -38.44 -18.62
CA LYS B 294 21.20 -38.21 -18.73
C LYS B 294 20.90 -36.75 -19.03
N LEU B 295 19.85 -36.54 -19.81
CA LEU B 295 19.42 -35.19 -20.15
C LEU B 295 18.68 -34.63 -18.97
N VAL B 296 18.89 -33.35 -18.71
CA VAL B 296 18.22 -32.67 -17.62
C VAL B 296 17.83 -31.29 -18.13
N THR B 297 16.62 -30.85 -17.83
CA THR B 297 16.24 -29.49 -18.12
C THR B 297 15.38 -28.91 -17.00
N SER B 298 15.03 -27.63 -17.12
CA SER B 298 13.98 -27.06 -16.28
C SER B 298 12.63 -27.27 -16.97
N HIS B 299 11.60 -27.48 -16.16
CA HIS B 299 10.25 -27.63 -16.69
C HIS B 299 9.30 -26.73 -15.95
N THR B 300 8.39 -26.12 -16.68
CA THR B 300 7.35 -25.39 -16.05
C THR B 300 6.06 -25.51 -16.86
N SER B 301 4.96 -25.17 -16.23
CA SER B 301 3.72 -25.00 -16.93
C SER B 301 2.85 -24.06 -16.10
N LEU B 302 1.68 -23.74 -16.64
CA LEU B 302 0.74 -22.88 -15.92
C LEU B 302 0.38 -23.45 -14.56
N SER B 303 0.46 -24.78 -14.43
CA SER B 303 0.14 -25.44 -13.17
C SER B 303 1.35 -25.97 -12.42
N THR B 304 2.56 -25.80 -12.96
CA THR B 304 3.78 -26.36 -12.40
C THR B 304 4.87 -25.30 -12.23
N PRO B 305 5.16 -24.95 -10.98
CA PRO B 305 6.28 -24.06 -10.68
C PRO B 305 7.57 -24.59 -11.29
N PRO B 306 8.46 -23.70 -11.74
CA PRO B 306 9.73 -24.13 -12.34
C PRO B 306 10.42 -25.20 -11.50
N ARG B 307 10.85 -26.27 -12.15
CA ARG B 307 11.44 -27.41 -11.48
C ARG B 307 12.46 -28.01 -12.42
N ILE B 308 13.40 -28.76 -11.85
CA ILE B 308 14.41 -29.48 -12.64
C ILE B 308 13.90 -30.89 -12.84
N VAL B 309 13.92 -31.35 -14.08
CA VAL B 309 13.52 -32.72 -14.40
C VAL B 309 14.54 -33.42 -15.30
N SER B 310 14.50 -34.75 -15.26
CA SER B 310 15.33 -35.61 -16.10
C SER B 310 14.50 -35.97 -17.33
N LEU B 311 15.16 -36.05 -18.49
CA LEU B 311 14.52 -36.46 -19.73
C LEU B 311 15.13 -37.78 -20.20
N PRO B 312 14.35 -38.66 -20.83
CA PRO B 312 12.95 -38.42 -21.22
C PRO B 312 11.86 -38.79 -20.19
N SER B 313 12.21 -39.38 -19.05
CA SER B 313 11.21 -39.85 -18.07
C SER B 313 10.28 -38.74 -17.56
N GLY B 314 10.82 -37.54 -17.43
CA GLY B 314 10.10 -36.41 -16.85
C GLY B 314 10.10 -36.35 -15.34
N GLU B 315 10.87 -37.22 -14.68
CA GLU B 315 10.88 -37.33 -13.22
C GLU B 315 11.59 -36.14 -12.59
N PRO B 316 10.98 -35.59 -11.53
CA PRO B 316 11.53 -34.40 -10.89
C PRO B 316 12.82 -34.69 -10.15
N LEU B 317 13.77 -33.77 -10.24
CA LEU B 317 15.02 -33.86 -9.48
C LEU B 317 14.99 -32.82 -8.38
N LEU B 318 14.60 -31.60 -8.73
CA LEU B 318 14.30 -30.56 -7.77
C LEU B 318 12.98 -29.93 -8.16
N GLU B 319 12.00 -30.00 -7.25
CA GLU B 319 10.73 -29.32 -7.45
C GLU B 319 10.13 -28.90 -6.12
N GLY B 320 9.44 -27.76 -6.13
CA GLY B 320 8.63 -27.33 -5.02
C GLY B 320 7.25 -27.96 -5.18
N GLY B 321 6.64 -28.36 -4.06
CA GLY B 321 5.31 -28.93 -4.08
C GLY B 321 4.27 -27.88 -3.75
N LEU B 322 3.26 -27.72 -4.60
CA LEU B 322 2.14 -26.83 -4.29
C LEU B 322 1.17 -27.54 -3.36
N PRO B 323 0.64 -26.80 -2.37
CA PRO B 323 -0.44 -27.35 -1.54
C PRO B 323 -1.62 -27.78 -2.40
N GLU B 324 -2.34 -28.81 -1.97
CA GLU B 324 -3.42 -29.36 -2.77
C GLU B 324 -4.54 -28.34 -3.02
N ASP B 325 -4.87 -27.52 -2.02
CA ASP B 325 -5.93 -26.52 -2.19
C ASP B 325 -5.63 -25.53 -3.32
N LEU B 326 -4.37 -25.12 -3.45
CA LEU B 326 -3.98 -24.16 -4.47
C LEU B 326 -3.89 -24.75 -5.88
N ARG B 327 -3.52 -26.04 -5.98
CA ARG B 327 -3.51 -26.73 -7.27
C ARG B 327 -4.94 -26.79 -7.83
N ARG B 328 -5.90 -26.98 -6.94
CA ARG B 328 -7.31 -27.05 -7.28
C ARG B 328 -7.89 -25.68 -7.69
N SER B 329 -7.32 -24.59 -7.22
CA SER B 329 -7.76 -23.24 -7.63
C SER B 329 -7.49 -22.94 -9.11
N ILE B 330 -6.60 -23.68 -9.75
CA ILE B 330 -6.42 -23.63 -11.20
C ILE B 330 -7.27 -24.74 -11.82
N ALA B 331 -8.41 -24.38 -12.39
CA ALA B 331 -9.32 -25.37 -12.98
C ALA B 331 -8.77 -25.94 -14.29
N GLY B 332 -8.00 -25.13 -15.01
CA GLY B 332 -7.43 -25.55 -16.28
C GLY B 332 -6.88 -24.38 -17.07
N SER B 333 -6.18 -24.72 -18.15
CA SER B 333 -5.59 -23.71 -19.00
C SER B 333 -5.89 -24.03 -20.46
N ARG B 334 -5.94 -22.98 -21.28
CA ARG B 334 -6.16 -23.14 -22.70
C ARG B 334 -5.62 -21.97 -23.50
N LEU B 335 -5.29 -22.26 -24.74
CA LEU B 335 -4.86 -21.24 -25.67
C LEU B 335 -6.06 -20.94 -26.54
N VAL B 336 -6.38 -19.67 -26.63
CA VAL B 336 -7.38 -19.19 -27.57
C VAL B 336 -6.78 -18.08 -28.45
N TRP B 337 -7.41 -17.88 -29.59
CA TRP B 337 -6.94 -16.97 -30.60
C TRP B 337 -8.02 -15.92 -30.75
N VAL B 338 -7.76 -14.74 -30.22
CA VAL B 338 -8.73 -13.68 -30.23
C VAL B 338 -8.52 -12.74 -31.39
N GLU B 339 -9.58 -12.51 -32.15
CA GLU B 339 -9.52 -11.58 -33.26
C GLU B 339 -9.40 -10.14 -32.76
N SER B 340 -8.38 -9.45 -33.24
CA SER B 340 -8.12 -8.06 -32.89
C SER B 340 -8.60 -7.10 -34.02
N PHE B 341 -8.19 -5.83 -33.91
CA PHE B 341 -8.78 -4.72 -34.67
C PHE B 341 -8.54 -4.85 -36.17
N ASP B 342 -7.46 -5.55 -36.53
CA ASP B 342 -7.06 -5.74 -37.93
C ASP B 342 -7.23 -7.18 -38.43
N GLY B 343 -7.97 -8.00 -37.68
CA GLY B 343 -8.16 -9.40 -38.05
C GLY B 343 -7.03 -10.32 -37.58
N SER B 344 -5.99 -9.74 -37.00
CA SER B 344 -4.90 -10.54 -36.44
C SER B 344 -5.45 -11.37 -35.30
N ARG B 345 -4.90 -12.57 -35.15
CA ARG B 345 -5.30 -13.45 -34.08
C ARG B 345 -4.32 -13.33 -32.94
N VAL B 346 -4.86 -13.02 -31.77
CA VAL B 346 -4.05 -12.77 -30.61
C VAL B 346 -4.04 -14.04 -29.77
N PRO B 347 -2.90 -14.72 -29.74
CA PRO B 347 -2.78 -15.95 -28.97
C PRO B 347 -2.84 -15.60 -27.48
N THR B 348 -3.81 -16.18 -26.80
CA THR B 348 -4.19 -15.75 -25.48
C THR B 348 -4.33 -16.99 -24.62
N TYR B 349 -3.47 -17.14 -23.63
CA TYR B 349 -3.64 -18.19 -22.64
C TYR B 349 -4.72 -17.77 -21.64
N VAL B 350 -5.58 -18.71 -21.30
CA VAL B 350 -6.66 -18.44 -20.38
C VAL B 350 -6.49 -19.40 -19.24
N LEU B 351 -6.32 -18.87 -18.04
CA LEU B 351 -6.27 -19.68 -16.83
C LEU B 351 -7.62 -19.57 -16.14
N GLU B 352 -8.32 -20.69 -16.07
CA GLU B 352 -9.63 -20.76 -15.47
C GLU B 352 -9.46 -20.99 -13.98
N SER B 353 -10.14 -20.18 -13.17
CA SER B 353 -10.18 -20.38 -11.74
C SER B 353 -11.25 -21.42 -11.39
N GLY B 354 -10.85 -22.42 -10.60
CA GLY B 354 -11.81 -23.31 -9.96
C GLY B 354 -12.44 -22.68 -8.73
N ARG B 355 -12.17 -21.39 -8.50
CA ARG B 355 -12.76 -20.65 -7.40
C ARG B 355 -13.64 -19.49 -7.89
N ALA B 356 -13.94 -19.48 -9.18
CA ALA B 356 -14.82 -18.49 -9.77
C ALA B 356 -15.86 -19.19 -10.63
N PRO B 357 -17.08 -18.65 -10.69
CA PRO B 357 -18.09 -19.22 -11.58
C PRO B 357 -17.75 -18.83 -13.03
N THR B 358 -18.48 -19.39 -13.98
CA THR B 358 -18.41 -18.98 -15.36
C THR B 358 -19.83 -18.57 -15.79
N PRO B 359 -20.07 -17.31 -16.13
CA PRO B 359 -19.05 -16.24 -16.17
C PRO B 359 -18.61 -15.84 -14.77
N GLY B 360 -17.38 -15.34 -14.65
CA GLY B 360 -16.83 -14.98 -13.36
C GLY B 360 -15.91 -13.78 -13.47
N PRO B 361 -15.49 -13.24 -12.33
CA PRO B 361 -14.53 -12.13 -12.34
C PRO B 361 -13.29 -12.55 -13.08
N THR B 362 -12.77 -11.67 -13.92
CA THR B 362 -11.75 -12.06 -14.87
C THR B 362 -10.75 -10.94 -14.96
N VAL B 363 -9.49 -11.31 -14.91
CA VAL B 363 -8.40 -10.35 -14.95
C VAL B 363 -7.63 -10.60 -16.23
N VAL B 364 -7.51 -9.56 -17.03
CA VAL B 364 -6.61 -9.58 -18.16
C VAL B 364 -5.24 -9.21 -17.60
N LEU B 365 -4.42 -10.23 -17.39
CA LEU B 365 -3.08 -10.10 -16.86
C LEU B 365 -2.07 -9.94 -17.99
N VAL B 366 -1.56 -8.72 -18.13
CA VAL B 366 -0.84 -8.33 -19.32
C VAL B 366 0.65 -8.48 -19.07
N HIS B 367 1.33 -9.12 -19.99
CA HIS B 367 2.70 -9.50 -19.72
C HIS B 367 3.60 -8.32 -19.99
N GLY B 368 4.78 -8.38 -19.39
CA GLY B 368 5.78 -7.35 -19.54
C GLY B 368 6.58 -7.59 -20.78
N GLY B 369 7.58 -6.74 -20.95
CA GLY B 369 8.63 -6.92 -21.93
C GLY B 369 8.87 -5.63 -22.68
N PRO B 370 8.20 -5.41 -23.80
CA PRO B 370 7.10 -6.23 -24.32
C PRO B 370 7.49 -7.56 -24.97
N PHE B 371 8.78 -7.73 -25.28
CA PHE B 371 9.29 -8.97 -25.88
C PHE B 371 9.33 -10.07 -24.86
N ALA B 372 8.16 -10.62 -24.63
CA ALA B 372 7.97 -11.73 -23.72
C ALA B 372 6.65 -12.37 -24.09
N GLU B 373 6.32 -13.48 -23.44
CA GLU B 373 5.05 -14.07 -23.76
C GLU B 373 4.39 -14.76 -22.59
N ASP B 374 3.08 -14.86 -22.73
CA ASP B 374 2.24 -15.68 -21.89
C ASP B 374 2.22 -17.03 -22.55
N SER B 375 2.86 -17.97 -21.87
CA SER B 375 3.01 -19.31 -22.38
C SER B 375 2.40 -20.26 -21.39
N ASP B 376 2.47 -21.53 -21.70
CA ASP B 376 2.11 -22.55 -20.72
C ASP B 376 3.30 -22.67 -19.76
N SER B 377 3.46 -21.63 -18.93
CA SER B 377 4.55 -21.51 -17.96
C SER B 377 4.03 -20.91 -16.67
N TRP B 378 4.62 -21.35 -15.56
CA TRP B 378 4.17 -20.91 -14.25
C TRP B 378 4.18 -19.40 -14.18
N ASP B 379 3.09 -18.87 -13.68
CA ASP B 379 2.98 -17.44 -13.48
C ASP B 379 2.33 -17.29 -12.10
N THR B 380 3.11 -16.76 -11.16
CA THR B 380 2.65 -16.60 -9.79
C THR B 380 1.51 -15.62 -9.69
N PHE B 381 1.62 -14.53 -10.42
CA PHE B 381 0.55 -13.52 -10.44
C PHE B 381 -0.76 -14.16 -10.84
N ALA B 382 -0.71 -14.90 -11.93
CA ALA B 382 -1.87 -15.55 -12.50
C ALA B 382 -2.43 -16.54 -11.51
N ALA B 383 -1.52 -17.28 -10.87
CA ALA B 383 -1.90 -18.33 -9.95
C ALA B 383 -2.57 -17.74 -8.73
N SER B 384 -2.10 -16.57 -8.30
CA SER B 384 -2.69 -15.93 -7.12
C SER B 384 -4.05 -15.36 -7.47
N LEU B 385 -4.18 -14.90 -8.70
CA LEU B 385 -5.45 -14.44 -9.22
C LEU B 385 -6.45 -15.59 -9.27
N ALA B 386 -6.03 -16.76 -9.77
CA ALA B 386 -6.89 -17.94 -9.82
C ALA B 386 -7.29 -18.33 -8.41
N ALA B 387 -6.34 -18.24 -7.49
CA ALA B 387 -6.58 -18.54 -6.09
C ALA B 387 -7.57 -17.57 -5.48
N ALA B 388 -7.52 -16.31 -5.89
CA ALA B 388 -8.41 -15.29 -5.34
C ALA B 388 -9.79 -15.28 -5.99
N GLY B 389 -10.06 -16.23 -6.89
CA GLY B 389 -11.36 -16.32 -7.53
C GLY B 389 -11.49 -15.46 -8.77
N PHE B 390 -10.38 -15.29 -9.51
CA PHE B 390 -10.40 -14.61 -10.79
C PHE B 390 -9.94 -15.52 -11.88
N HIS B 391 -10.68 -15.53 -12.98
CA HIS B 391 -10.16 -16.06 -14.21
C HIS B 391 -9.06 -15.13 -14.69
N VAL B 392 -8.14 -15.69 -15.46
CA VAL B 392 -7.01 -14.92 -15.96
C VAL B 392 -6.86 -15.12 -17.45
N VAL B 393 -6.81 -14.00 -18.16
CA VAL B 393 -6.69 -13.96 -19.60
C VAL B 393 -5.41 -13.24 -19.89
N MET B 394 -4.59 -13.84 -20.73
CA MET B 394 -3.18 -13.49 -20.84
C MET B 394 -2.88 -13.40 -22.32
N PRO B 395 -3.17 -12.25 -22.91
CA PRO B 395 -3.08 -12.08 -24.37
C PRO B 395 -1.68 -11.80 -24.87
N ASN B 396 -1.19 -12.60 -25.79
CA ASN B 396 0.08 -12.28 -26.43
C ASN B 396 -0.10 -11.25 -27.51
N TYR B 397 -0.17 -10.01 -27.05
CA TYR B 397 -0.32 -8.87 -27.90
C TYR B 397 0.87 -8.72 -28.83
N ARG B 398 0.64 -8.12 -30.00
CA ARG B 398 1.74 -7.86 -30.91
C ARG B 398 2.83 -7.13 -30.15
N GLY B 399 4.07 -7.58 -30.35
CA GLY B 399 5.19 -7.23 -29.49
C GLY B 399 5.71 -8.48 -28.79
N SER B 400 4.83 -9.47 -28.63
CA SER B 400 5.13 -10.71 -27.90
C SER B 400 6.13 -11.58 -28.65
N THR B 401 6.91 -12.33 -27.89
CA THR B 401 7.72 -13.39 -28.47
C THR B 401 6.81 -14.60 -28.64
N GLY B 402 7.33 -15.61 -29.31
CA GLY B 402 6.70 -16.92 -29.37
C GLY B 402 5.93 -17.23 -30.62
N TYR B 403 5.61 -16.20 -31.43
CA TYR B 403 4.71 -16.32 -32.55
C TYR B 403 5.24 -15.72 -33.85
N GLY B 404 6.56 -15.56 -33.92
CA GLY B 404 7.24 -15.09 -35.10
C GLY B 404 7.71 -13.66 -34.98
N GLU B 405 8.72 -13.35 -35.79
CA GLU B 405 9.28 -12.02 -35.90
C GLU B 405 8.26 -10.96 -36.29
N GLU B 406 7.40 -11.26 -37.24
CA GLU B 406 6.45 -10.27 -37.75
C GLU B 406 5.52 -9.76 -36.63
N TRP B 407 4.96 -10.70 -35.87
CA TRP B 407 4.09 -10.38 -34.76
C TRP B 407 4.81 -9.64 -33.66
N ARG B 408 6.04 -10.06 -33.39
CA ARG B 408 6.85 -9.42 -32.37
C ARG B 408 7.22 -7.97 -32.76
N LEU B 409 7.57 -7.76 -34.03
CA LEU B 409 8.07 -6.46 -34.46
C LEU B 409 6.96 -5.45 -34.74
N LYS B 410 5.71 -5.90 -34.77
CA LYS B 410 4.58 -5.00 -35.06
C LYS B 410 4.43 -3.90 -34.02
N ILE B 411 4.90 -4.15 -32.79
CA ILE B 411 4.83 -3.16 -31.73
C ILE B 411 5.73 -1.96 -31.95
N ILE B 412 6.81 -2.15 -32.72
CA ILE B 412 7.84 -1.13 -32.89
C ILE B 412 7.26 0.10 -33.54
N GLY B 413 7.46 1.22 -32.87
CA GLY B 413 6.94 2.50 -33.32
C GLY B 413 5.51 2.73 -32.90
N ASP B 414 4.93 1.78 -32.18
CA ASP B 414 3.51 1.79 -31.91
C ASP B 414 3.12 1.33 -30.50
N PRO B 415 3.82 1.78 -29.46
CA PRO B 415 3.40 1.45 -28.10
C PRO B 415 2.08 2.16 -27.85
N CYS B 416 1.19 1.55 -27.07
CA CYS B 416 -0.14 2.10 -26.85
C CYS B 416 -0.80 2.31 -28.20
N GLY B 417 -0.80 1.25 -29.00
CA GLY B 417 -1.41 1.25 -30.29
C GLY B 417 -2.01 -0.10 -30.52
N GLY B 418 -1.44 -0.87 -31.45
CA GLY B 418 -2.01 -2.14 -31.82
C GLY B 418 -2.01 -3.14 -30.70
N GLU B 419 -0.94 -3.12 -29.89
CA GLU B 419 -0.81 -4.08 -28.80
C GLU B 419 -1.92 -3.87 -27.76
N LEU B 420 -2.31 -2.63 -27.52
CA LEU B 420 -3.39 -2.31 -26.63
C LEU B 420 -4.71 -2.76 -27.21
N GLU B 421 -4.91 -2.59 -28.51
CA GLU B 421 -6.12 -3.12 -29.13
C GLU B 421 -6.19 -4.65 -28.97
N ASP B 422 -5.05 -5.33 -29.02
CA ASP B 422 -4.99 -6.77 -28.78
C ASP B 422 -5.39 -7.11 -27.35
N VAL B 423 -4.85 -6.36 -26.40
CA VAL B 423 -5.20 -6.54 -25.01
C VAL B 423 -6.70 -6.31 -24.86
N SER B 424 -7.18 -5.24 -25.47
CA SER B 424 -8.61 -4.88 -25.42
C SER B 424 -9.47 -5.93 -26.11
N ALA B 425 -8.96 -6.50 -27.19
CA ALA B 425 -9.70 -7.51 -27.93
C ALA B 425 -9.82 -8.75 -27.07
N ALA B 426 -8.77 -9.09 -26.31
CA ALA B 426 -8.84 -10.24 -25.40
C ALA B 426 -9.84 -9.97 -24.29
N ALA B 427 -9.87 -8.74 -23.80
CA ALA B 427 -10.84 -8.33 -22.80
C ALA B 427 -12.25 -8.56 -23.32
N ARG B 428 -12.55 -8.02 -24.49
CA ARG B 428 -13.91 -8.13 -25.02
C ARG B 428 -14.24 -9.57 -25.34
N TRP B 429 -13.24 -10.36 -25.72
CA TRP B 429 -13.46 -11.77 -25.97
C TRP B 429 -13.88 -12.49 -24.68
N ALA B 430 -13.27 -12.15 -23.56
CA ALA B 430 -13.58 -12.81 -22.29
C ALA B 430 -15.01 -12.52 -21.86
N ARG B 431 -15.50 -11.33 -22.16
CA ARG B 431 -16.88 -11.00 -21.89
C ARG B 431 -17.81 -11.71 -22.88
N GLU B 432 -17.50 -11.60 -24.17
CA GLU B 432 -18.38 -12.07 -25.25
C GLU B 432 -18.45 -13.59 -25.32
N SER B 433 -17.34 -14.26 -24.99
CA SER B 433 -17.31 -15.71 -24.95
C SER B 433 -18.11 -16.26 -23.75
N GLY B 434 -18.30 -15.42 -22.72
CA GLY B 434 -19.06 -15.78 -21.53
C GLY B 434 -18.20 -16.19 -20.35
N LEU B 435 -16.90 -15.96 -20.47
CA LEU B 435 -15.97 -16.27 -19.39
C LEU B 435 -16.03 -15.25 -18.26
N ALA B 436 -16.11 -13.98 -18.65
CA ALA B 436 -15.98 -12.85 -17.72
C ALA B 436 -17.34 -12.25 -17.40
N SER B 437 -17.67 -12.16 -16.11
CA SER B 437 -18.84 -11.42 -15.64
C SER B 437 -18.45 -9.98 -15.46
N GLU B 438 -17.18 -9.77 -15.16
CA GLU B 438 -16.58 -8.44 -15.06
C GLU B 438 -15.10 -8.53 -15.38
N LEU B 439 -14.53 -7.41 -15.81
CA LEU B 439 -13.20 -7.37 -16.38
C LEU B 439 -12.30 -6.44 -15.58
N TYR B 440 -11.11 -6.93 -15.26
CA TYR B 440 -10.04 -6.10 -14.72
C TYR B 440 -8.81 -6.22 -15.57
N ILE B 441 -7.94 -5.22 -15.51
CA ILE B 441 -6.62 -5.33 -16.12
C ILE B 441 -5.58 -5.19 -15.02
N MET B 442 -4.49 -5.92 -15.19
CA MET B 442 -3.40 -5.96 -14.24
C MET B 442 -2.15 -6.25 -15.03
N GLY B 443 -1.06 -5.60 -14.67
CA GLY B 443 0.16 -5.78 -15.39
C GLY B 443 1.32 -5.23 -14.63
N TYR B 444 2.47 -5.82 -14.82
CA TYR B 444 3.73 -5.36 -14.24
C TYR B 444 4.63 -4.94 -15.37
N SER B 445 5.32 -3.82 -15.19
CA SER B 445 6.29 -3.32 -16.14
C SER B 445 5.62 -2.87 -17.45
N TYR B 446 5.93 -3.44 -18.60
CA TYR B 446 5.18 -3.05 -19.81
C TYR B 446 3.69 -3.37 -19.63
N GLY B 447 3.40 -4.37 -18.81
CA GLY B 447 2.04 -4.75 -18.47
C GLY B 447 1.33 -3.68 -17.65
N GLY B 448 2.06 -3.02 -16.79
CA GLY B 448 1.49 -1.95 -16.00
C GLY B 448 1.26 -0.73 -16.87
N TYR B 449 2.20 -0.47 -17.76
CA TYR B 449 2.03 0.49 -18.83
C TYR B 449 0.73 0.21 -19.54
N MET B 450 0.48 -1.05 -19.88
CA MET B 450 -0.72 -1.42 -20.60
C MET B 450 -1.96 -1.15 -19.74
N THR B 451 -1.87 -1.41 -18.45
CA THR B 451 -2.93 -1.03 -17.55
C THR B 451 -3.20 0.45 -17.65
N LEU B 452 -2.14 1.25 -17.57
CA LEU B 452 -2.34 2.71 -17.60
C LEU B 452 -2.93 3.15 -18.94
N CYS B 453 -2.47 2.52 -20.01
CA CYS B 453 -2.96 2.83 -21.34
C CYS B 453 -4.40 2.42 -21.54
N ALA B 454 -4.79 1.28 -20.98
CA ALA B 454 -6.14 0.81 -21.08
C ALA B 454 -7.07 1.76 -20.38
N LEU B 455 -6.68 2.20 -19.20
CA LEU B 455 -7.57 3.02 -18.37
C LEU B 455 -7.69 4.46 -18.89
N THR B 456 -6.64 4.93 -19.56
CA THR B 456 -6.64 6.27 -20.14
C THR B 456 -7.29 6.28 -21.52
N MET B 457 -6.95 5.28 -22.34
CA MET B 457 -7.37 5.24 -23.74
C MET B 457 -8.64 4.44 -23.94
N LYS B 458 -8.94 3.57 -22.98
CA LYS B 458 -10.11 2.71 -23.06
C LYS B 458 -10.96 2.77 -21.79
N PRO B 459 -11.36 3.97 -21.37
CA PRO B 459 -12.20 4.10 -20.16
C PRO B 459 -13.49 3.31 -20.34
N GLY B 460 -13.94 2.62 -19.30
CA GLY B 460 -15.16 1.85 -19.38
C GLY B 460 -14.96 0.40 -19.83
N LEU B 461 -13.80 0.07 -20.40
CA LEU B 461 -13.50 -1.30 -20.82
C LEU B 461 -13.37 -2.19 -19.61
N PHE B 462 -12.50 -1.79 -18.70
CA PHE B 462 -12.29 -2.51 -17.46
C PHE B 462 -12.97 -1.78 -16.32
N LYS B 463 -13.32 -2.55 -15.28
CA LYS B 463 -13.90 -2.05 -14.04
C LYS B 463 -12.81 -1.39 -13.18
N ALA B 464 -11.61 -1.95 -13.21
CA ALA B 464 -10.47 -1.39 -12.50
C ALA B 464 -9.16 -1.97 -13.05
N GLY B 465 -8.04 -1.29 -12.72
CA GLY B 465 -6.75 -1.62 -13.25
C GLY B 465 -5.70 -1.62 -12.15
N VAL B 466 -4.75 -2.55 -12.24
CA VAL B 466 -3.61 -2.59 -11.36
C VAL B 466 -2.38 -2.42 -12.25
N ALA B 467 -1.53 -1.47 -11.89
CA ALA B 467 -0.37 -1.11 -12.69
C ALA B 467 0.80 -1.20 -11.76
N GLY B 468 1.62 -2.23 -11.95
CA GLY B 468 2.79 -2.45 -11.13
C GLY B 468 4.04 -2.10 -11.92
N ALA B 469 5.01 -1.46 -11.28
CA ALA B 469 6.28 -1.09 -11.91
C ALA B 469 6.09 -0.62 -13.35
N SER B 470 5.17 0.31 -13.50
CA SER B 470 4.64 0.66 -14.78
C SER B 470 5.50 1.73 -15.45
N VAL B 471 5.50 1.68 -16.79
CA VAL B 471 5.94 2.79 -17.60
C VAL B 471 4.78 3.79 -17.55
N VAL B 472 5.12 5.04 -17.33
CA VAL B 472 4.16 6.12 -17.11
C VAL B 472 4.34 7.19 -18.15
N ASP B 473 5.59 7.44 -18.48
CA ASP B 473 6.00 8.48 -19.38
C ASP B 473 7.31 8.11 -20.02
N TRP B 474 7.27 7.83 -21.32
CA TRP B 474 8.47 7.56 -22.09
C TRP B 474 9.49 8.69 -22.01
N GLU B 475 9.02 9.94 -21.90
CA GLU B 475 9.89 11.11 -21.98
C GLU B 475 10.72 11.30 -20.72
N GLU B 476 10.06 11.36 -19.56
CA GLU B 476 10.81 11.48 -18.32
C GLU B 476 11.64 10.23 -18.05
N MET B 477 11.10 9.06 -18.36
CA MET B 477 11.82 7.84 -18.14
C MET B 477 13.11 7.86 -18.93
N TYR B 478 13.04 8.37 -20.16
CA TYR B 478 14.22 8.46 -21.03
C TYR B 478 15.27 9.36 -20.39
N GLU B 479 14.81 10.48 -19.86
CA GLU B 479 15.64 11.42 -19.12
C GLU B 479 16.40 10.73 -17.97
N LEU B 480 15.80 9.68 -17.40
CA LEU B 480 16.36 9.01 -16.24
C LEU B 480 16.96 7.63 -16.51
N SER B 481 17.05 7.23 -17.78
CA SER B 481 17.45 5.85 -18.12
C SER B 481 18.94 5.77 -18.38
N ASP B 482 19.50 4.59 -18.18
CA ASP B 482 20.88 4.35 -18.55
C ASP B 482 20.95 4.08 -20.06
N ALA B 483 22.16 3.81 -20.56
CA ALA B 483 22.41 3.69 -21.98
C ALA B 483 21.56 2.61 -22.62
N ALA B 484 21.33 1.51 -21.91
CA ALA B 484 20.55 0.43 -22.49
C ALA B 484 19.10 0.81 -22.63
N PHE B 485 18.55 1.42 -21.60
CA PHE B 485 17.14 1.75 -21.61
C PHE B 485 16.81 2.93 -22.49
N ARG B 486 17.70 3.91 -22.57
CA ARG B 486 17.49 4.98 -23.56
C ARG B 486 17.33 4.35 -24.92
N ASN B 487 18.24 3.45 -25.27
CA ASN B 487 18.28 2.85 -26.60
C ASN B 487 17.01 2.07 -26.80
N PHE B 488 16.58 1.36 -25.77
CA PHE B 488 15.43 0.50 -25.87
C PHE B 488 14.16 1.32 -26.03
N ILE B 489 14.07 2.43 -25.32
CA ILE B 489 12.99 3.39 -25.55
C ILE B 489 13.04 3.95 -26.97
N GLU B 490 14.23 4.26 -27.47
CA GLU B 490 14.40 4.75 -28.83
C GLU B 490 13.78 3.74 -29.80
N GLN B 491 14.11 2.48 -29.62
CA GLN B 491 13.62 1.41 -30.47
C GLN B 491 12.11 1.25 -30.42
N LEU B 492 11.55 1.14 -29.22
CA LEU B 492 10.12 0.94 -29.04
C LEU B 492 9.32 2.09 -29.63
N THR B 493 9.80 3.32 -29.46
CA THR B 493 9.06 4.50 -29.93
C THR B 493 9.44 4.97 -31.33
N GLY B 494 10.39 4.29 -31.95
CA GLY B 494 10.84 4.62 -33.29
C GLY B 494 11.70 5.88 -33.40
N GLY B 495 12.18 6.39 -32.27
CA GLY B 495 12.90 7.66 -32.26
C GLY B 495 11.97 8.85 -32.39
N SER B 496 10.68 8.63 -32.14
CA SER B 496 9.65 9.66 -32.34
C SER B 496 9.26 10.29 -31.00
N ARG B 497 9.57 11.56 -30.88
CA ARG B 497 9.18 12.35 -29.74
C ARG B 497 7.67 12.34 -29.59
N GLU B 498 6.98 12.46 -30.72
CA GLU B 498 5.52 12.49 -30.72
C GLU B 498 4.94 11.19 -30.13
N ILE B 499 5.58 10.05 -30.42
CA ILE B 499 5.14 8.77 -29.87
C ILE B 499 5.38 8.76 -28.37
N MET B 500 6.56 9.23 -27.96
CA MET B 500 6.95 9.23 -26.55
C MET B 500 5.94 9.98 -25.66
N ARG B 501 5.38 11.06 -26.19
CA ARG B 501 4.46 11.91 -25.45
C ARG B 501 3.04 11.38 -25.53
N SER B 502 2.54 11.22 -26.75
CA SER B 502 1.15 10.83 -26.96
C SER B 502 0.84 9.41 -26.45
N ARG B 503 1.81 8.51 -26.48
CA ARG B 503 1.57 7.14 -26.01
C ARG B 503 1.93 7.01 -24.52
N SER B 504 2.17 8.15 -23.86
CA SER B 504 2.44 8.15 -22.44
C SER B 504 1.16 8.44 -21.71
N PRO B 505 0.70 7.50 -20.89
CA PRO B 505 -0.56 7.66 -20.17
C PRO B 505 -0.63 8.88 -19.23
N ILE B 506 0.52 9.36 -18.75
CA ILE B 506 0.62 10.57 -17.93
C ILE B 506 -0.09 11.76 -18.60
N ASN B 507 -0.15 11.73 -19.93
CA ASN B 507 -0.72 12.82 -20.70
C ASN B 507 -2.21 12.64 -21.04
N HIS B 508 -2.84 11.60 -20.50
CA HIS B 508 -4.26 11.31 -20.73
C HIS B 508 -5.01 10.99 -19.43
N VAL B 509 -4.47 11.49 -18.33
CA VAL B 509 -5.03 11.18 -17.02
C VAL B 509 -6.47 11.68 -16.90
N ASP B 510 -6.76 12.81 -17.55
CA ASP B 510 -8.12 13.35 -17.62
CA ASP B 510 -8.12 13.33 -17.57
C ASP B 510 -9.14 12.28 -18.04
N ARG B 511 -8.75 11.40 -18.95
CA ARG B 511 -9.64 10.38 -19.47
C ARG B 511 -9.98 9.22 -18.52
N ILE B 512 -9.18 9.04 -17.47
CA ILE B 512 -9.40 7.96 -16.53
C ILE B 512 -10.73 8.08 -15.79
N LYS B 513 -11.51 6.99 -15.81
CA LYS B 513 -12.78 6.89 -15.07
C LYS B 513 -12.85 5.72 -14.08
N GLU B 514 -11.86 4.82 -14.10
CA GLU B 514 -11.90 3.63 -13.28
C GLU B 514 -10.86 3.69 -12.17
N PRO B 515 -11.17 3.07 -11.02
CA PRO B 515 -10.19 2.97 -9.93
C PRO B 515 -8.94 2.29 -10.41
N LEU B 516 -7.82 2.81 -9.94
CA LEU B 516 -6.51 2.41 -10.38
C LEU B 516 -5.65 2.14 -9.16
N ALA B 517 -4.93 1.01 -9.15
CA ALA B 517 -3.99 0.73 -8.08
C ALA B 517 -2.60 0.79 -8.68
N LEU B 518 -1.74 1.57 -8.05
CA LEU B 518 -0.37 1.73 -8.50
C LEU B 518 0.53 1.03 -7.51
N ILE B 519 1.43 0.19 -8.01
CA ILE B 519 2.36 -0.52 -7.16
C ILE B 519 3.70 -0.29 -7.80
N HIS B 520 4.66 0.17 -7.01
CA HIS B 520 5.94 0.57 -7.56
C HIS B 520 7.06 0.44 -6.57
N PRO B 521 8.13 -0.27 -6.92
CA PRO B 521 9.30 -0.35 -6.04
C PRO B 521 10.04 0.97 -6.12
N GLN B 522 10.46 1.54 -5.00
CA GLN B 522 10.98 2.91 -4.98
C GLN B 522 12.29 3.07 -5.73
N ASN B 523 13.06 1.99 -5.85
CA ASN B 523 14.38 2.04 -6.44
C ASN B 523 14.45 1.42 -7.82
N ASP B 524 13.30 1.35 -8.45
CA ASP B 524 13.23 0.84 -9.80
C ASP B 524 14.10 1.74 -10.73
N SER B 525 15.09 1.15 -11.40
CA SER B 525 15.94 1.89 -12.33
C SER B 525 15.55 1.61 -13.78
N ARG B 526 14.56 0.76 -13.98
CA ARG B 526 13.98 0.50 -15.29
C ARG B 526 12.78 1.41 -15.54
N THR B 527 11.78 1.26 -14.67
CA THR B 527 10.55 2.05 -14.71
C THR B 527 10.56 2.86 -13.44
N PRO B 528 11.19 4.02 -13.49
CA PRO B 528 11.49 4.76 -12.28
C PRO B 528 10.25 5.33 -11.65
N LEU B 529 10.39 5.59 -10.35
CA LEU B 529 9.29 6.03 -9.52
C LEU B 529 8.95 7.47 -9.80
N LYS B 530 9.94 8.26 -10.22
CA LYS B 530 9.72 9.69 -10.33
C LYS B 530 8.47 10.00 -11.18
N PRO B 531 8.40 9.55 -12.41
CA PRO B 531 7.16 9.76 -13.19
C PRO B 531 5.91 9.20 -12.53
N LEU B 532 6.04 8.12 -11.76
CA LEU B 532 4.89 7.62 -11.00
C LEU B 532 4.38 8.64 -9.96
N LEU B 533 5.28 9.34 -9.27
CA LEU B 533 4.87 10.39 -8.34
C LEU B 533 4.11 11.47 -9.06
N ARG B 534 4.56 11.79 -10.26
CA ARG B 534 3.93 12.82 -11.05
C ARG B 534 2.53 12.37 -11.46
N LEU B 535 2.40 11.09 -11.82
CA LEU B 535 1.09 10.53 -12.15
C LEU B 535 0.14 10.61 -10.96
N MET B 536 0.64 10.27 -9.77
CA MET B 536 -0.15 10.44 -8.58
C MET B 536 -0.59 11.91 -8.37
N GLY B 537 0.31 12.85 -8.58
CA GLY B 537 -0.04 14.26 -8.49
C GLY B 537 -1.11 14.63 -9.52
N GLU B 538 -1.05 14.00 -10.69
CA GLU B 538 -2.05 14.24 -11.73
C GLU B 538 -3.40 13.64 -11.35
N LEU B 539 -3.39 12.40 -10.89
CA LEU B 539 -4.60 11.73 -10.42
C LEU B 539 -5.28 12.55 -9.35
N LEU B 540 -4.50 13.00 -8.36
CA LEU B 540 -5.00 13.80 -7.27
C LEU B 540 -5.61 15.10 -7.76
N ALA B 541 -4.86 15.80 -8.62
CA ALA B 541 -5.26 17.14 -9.09
C ALA B 541 -6.56 17.01 -9.87
N ARG B 542 -6.75 15.88 -10.53
CA ARG B 542 -7.89 15.71 -11.43
C ARG B 542 -9.02 14.91 -10.81
N GLY B 543 -8.94 14.65 -9.50
CA GLY B 543 -10.03 14.07 -8.74
C GLY B 543 -10.22 12.59 -8.99
N LYS B 544 -9.21 11.94 -9.53
CA LYS B 544 -9.31 10.54 -9.88
C LYS B 544 -9.14 9.65 -8.67
N THR B 545 -9.96 8.61 -8.61
CA THR B 545 -9.79 7.54 -7.65
C THR B 545 -8.48 6.81 -7.89
N PHE B 546 -7.64 6.71 -6.87
CA PHE B 546 -6.49 5.84 -6.97
C PHE B 546 -5.94 5.34 -5.64
N GLU B 547 -5.21 4.26 -5.76
CA GLU B 547 -4.53 3.62 -4.68
C GLU B 547 -3.07 3.53 -5.10
N ALA B 548 -2.15 3.65 -4.17
CA ALA B 548 -0.74 3.50 -4.51
C ALA B 548 0.01 2.77 -3.41
N HIS B 549 0.97 1.94 -3.81
CA HIS B 549 1.79 1.23 -2.85
C HIS B 549 3.20 1.25 -3.35
N ILE B 550 4.06 1.90 -2.56
CA ILE B 550 5.44 2.07 -2.93
C ILE B 550 6.23 1.15 -2.02
N ILE B 551 7.10 0.37 -2.64
CA ILE B 551 7.81 -0.69 -1.96
C ILE B 551 9.20 -0.16 -1.67
N PRO B 552 9.65 -0.28 -0.43
CA PRO B 552 10.91 0.29 -0.02
C PRO B 552 12.07 -0.62 -0.40
N ASP B 553 13.20 0.00 -0.70
CA ASP B 553 14.46 -0.71 -0.86
C ASP B 553 14.31 -1.85 -1.83
N ALA B 554 13.50 -1.64 -2.86
CA ALA B 554 13.36 -2.61 -3.90
C ALA B 554 13.24 -1.90 -5.22
N GLY B 555 13.60 -2.61 -6.28
CA GLY B 555 13.47 -2.16 -7.64
C GLY B 555 12.72 -3.16 -8.49
N HIS B 556 13.02 -3.14 -9.77
CA HIS B 556 12.23 -3.86 -10.75
C HIS B 556 12.28 -5.38 -10.60
N ALA B 557 13.41 -5.89 -10.12
CA ALA B 557 13.66 -7.32 -10.10
C ALA B 557 13.49 -7.82 -8.69
N ILE B 558 12.44 -8.55 -8.44
CA ILE B 558 12.18 -8.96 -7.08
C ILE B 558 12.83 -10.29 -6.79
N ASN B 559 13.68 -10.32 -5.76
CA ASN B 559 14.50 -11.47 -5.41
C ASN B 559 14.26 -12.00 -3.99
N THR B 560 13.23 -11.47 -3.33
CA THR B 560 12.83 -11.98 -2.03
C THR B 560 11.34 -12.27 -1.98
N MET B 561 10.98 -13.13 -1.03
CA MET B 561 9.60 -13.48 -0.77
C MET B 561 8.84 -12.23 -0.33
N GLU B 562 9.41 -11.53 0.65
CA GLU B 562 8.71 -10.41 1.27
C GLU B 562 8.48 -9.30 0.22
N ASP B 563 9.43 -9.13 -0.69
CA ASP B 563 9.26 -8.13 -1.74
C ASP B 563 8.25 -8.61 -2.78
N ALA B 564 8.23 -9.90 -3.07
CA ALA B 564 7.20 -10.46 -3.95
C ALA B 564 5.83 -10.25 -3.34
N VAL B 565 5.71 -10.41 -2.03
CA VAL B 565 4.44 -10.24 -1.34
C VAL B 565 4.01 -8.77 -1.45
N LYS B 566 4.96 -7.85 -1.25
CA LYS B 566 4.65 -6.43 -1.27
C LYS B 566 4.18 -5.93 -2.63
N ILE B 567 4.62 -6.57 -3.72
CA ILE B 567 4.17 -6.15 -5.05
C ILE B 567 2.87 -6.86 -5.45
N LEU B 568 2.66 -8.08 -4.97
CA LEU B 568 1.51 -8.87 -5.39
C LEU B 568 0.29 -8.72 -4.50
N LEU B 569 0.51 -8.80 -3.19
CA LEU B 569 -0.60 -8.75 -2.23
C LEU B 569 -1.58 -7.58 -2.42
N PRO B 570 -1.07 -6.35 -2.53
CA PRO B 570 -1.97 -5.20 -2.75
C PRO B 570 -2.78 -5.28 -4.06
N ALA B 571 -2.19 -5.83 -5.11
CA ALA B 571 -2.90 -6.05 -6.35
C ALA B 571 -4.12 -6.95 -6.12
N VAL B 572 -3.93 -8.06 -5.42
CA VAL B 572 -5.02 -9.02 -5.23
C VAL B 572 -6.07 -8.48 -4.23
N PHE B 573 -5.60 -7.83 -3.16
CA PHE B 573 -6.50 -7.14 -2.24
C PHE B 573 -7.38 -6.16 -3.00
N PHE B 574 -6.75 -5.39 -3.86
CA PHE B 574 -7.41 -4.30 -4.56
C PHE B 574 -8.50 -4.88 -5.44
N LEU B 575 -8.13 -5.89 -6.21
CA LEU B 575 -9.06 -6.55 -7.11
C LEU B 575 -10.18 -7.26 -6.37
N ALA B 576 -9.86 -7.93 -5.26
CA ALA B 576 -10.88 -8.61 -4.45
C ALA B 576 -11.88 -7.60 -3.89
N THR B 577 -11.37 -6.43 -3.54
CA THR B 577 -12.17 -5.36 -2.98
C THR B 577 -13.08 -4.74 -4.04
N GLN B 578 -12.54 -4.67 -5.27
CA GLN B 578 -13.27 -4.13 -6.40
C GLN B 578 -14.43 -5.04 -6.73
N ARG B 579 -14.22 -6.34 -6.55
CA ARG B 579 -15.24 -7.34 -6.86
C ARG B 579 -16.47 -7.27 -5.94
N GLU B 580 -16.28 -6.79 -4.71
CA GLU B 580 -17.41 -6.54 -3.78
C GLU B 580 -18.28 -5.39 -4.27
N ARG B 581 -17.63 -4.48 -5.01
CA ARG B 581 -18.27 -3.34 -5.66
C ARG B 581 -19.23 -3.73 -6.83
N ARG B 582 -19.82 -2.73 -7.48
CA ARG B 582 -20.70 -2.91 -8.65
C ARG B 582 -19.92 -2.84 -9.98
N GLY C . -9.26 17.81 15.56
CA GLY C . -8.89 18.52 14.33
C GLY C . -7.98 17.71 13.43
O GLY C . -8.38 17.25 12.36
N PHE D . -6.74 17.51 13.85
CA PHE D . -5.82 16.62 13.15
C PHE D . -5.76 15.24 13.85
O PHE D . -4.72 14.89 14.38
CB PHE D . -4.42 17.24 13.03
CG PHE D . -4.41 18.52 12.22
CD1 PHE D . -4.10 19.74 12.82
CD2 PHE D . -4.71 18.49 10.88
CE1 PHE D . -4.09 20.91 12.08
CE2 PHE D . -4.72 19.67 10.11
CZ PHE D . -4.40 20.88 10.72
OXT PHE D . -6.71 14.44 13.88
C1 GOL E . -29.00 35.58 23.69
O1 GOL E . -29.24 35.99 25.02
C2 GOL E . -27.54 35.79 23.28
O2 GOL E . -26.67 35.27 24.26
C3 GOL E . -27.23 35.10 21.96
O3 GOL E . -26.29 35.87 21.22
C1 GOL F . -17.26 18.06 19.48
O1 GOL F . -17.13 17.21 18.35
C2 GOL F . -15.95 18.13 20.26
O2 GOL F . -14.90 18.48 19.38
C3 GOL F . -15.98 19.15 21.42
O3 GOL F . -17.31 19.47 21.81
C1 GOL G . -35.96 20.89 7.28
O1 GOL G . -35.65 19.52 7.17
C2 GOL G . -37.08 21.12 8.30
O2 GOL G . -38.14 20.21 8.08
C3 GOL G . -36.57 20.90 9.71
O3 GOL G . -35.81 21.98 10.19
N GLY H . 13.99 -6.58 -20.29
CA GLY H . 13.67 -5.16 -20.63
C GLY H . 12.67 -4.60 -19.65
O GLY H . 12.99 -4.43 -18.47
N PHE I . 11.46 -4.29 -20.11
CA PHE I . 10.36 -3.92 -19.21
C PHE I . 9.47 -5.14 -18.90
O PHE I . 8.25 -5.07 -18.95
CB PHE I . 9.51 -2.79 -19.80
CG PHE I . 10.29 -1.55 -20.12
CD1 PHE I . 10.38 -1.09 -21.44
CD2 PHE I . 10.94 -0.84 -19.11
CE1 PHE I . 11.09 0.04 -21.73
CE2 PHE I . 11.65 0.30 -19.40
CZ PHE I . 11.73 0.75 -20.71
OXT PHE I . 9.89 -6.25 -18.55
C1 GOL J . 14.19 8.90 -28.01
O1 GOL J . 13.19 8.14 -28.69
C2 GOL J . 14.31 10.33 -28.53
O2 GOL J . 14.77 10.41 -29.86
C3 GOL J . 15.28 11.07 -27.65
O3 GOL J . 15.14 12.43 -27.93
C1 GOL K . 38.48 -13.99 -13.50
O1 GOL K . 38.82 -15.19 -14.15
C2 GOL K . 38.61 -14.17 -11.99
O2 GOL K . 39.74 -14.98 -11.72
C3 GOL K . 38.77 -12.82 -11.30
O3 GOL K . 38.38 -12.95 -9.95
#